data_9EXI
#
_entry.id   9EXI
#
loop_
_entity.id
_entity.type
_entity.pdbx_description
1 polymer 'Capsid protein VP1'
2 polymer 'Capsid protein VP2'
3 polymer 'Capsid protein VP3'
4 polymer 'Capsid protein VP4'
5 non-polymer 4-[(4-methylpiperazin-1-yl)methyl]-N-[[4-(trifluoromethyl)phenyl]methyl]aniline
6 non-polymer 'MYRISTIC ACID'
#
loop_
_entity_poly.entity_id
_entity_poly.type
_entity_poly.pdbx_seq_one_letter_code
_entity_poly.pdbx_strand_id
1 'polypeptide(L)'
;GDVEEAIERAVVHVADTMRSGPSNSASVPALTAVETGHTSQVTPSDTMQTRHVKNYHSRSESTVENFLGRSACVYMEEYK
TTDNDVNKKFVAWPINTKQMVQMRRKLEMFTYLRFDMEVTFVITSRQDPGTTLAQDMPVLTHQIMYVPPGGPIPAKVDDY
AWQTSTNPSIFWTEGNAPARMSIPFISIGNAYSNFYDGWSNFDQRGSYGYNTLNNLGHIYVRHVSGSSPHPITSTIRVYF
KPKHTRAWVPRPPRLCQYKKAFSVDFTPTPITDTRKDINTVTT
;
A
2 'polypeptide(L)'
;SDRVRSITLGNSTITTQECANVVVGYGRWPTYLRDDEATAEDQPTQPDVATCRFYTLDSIKWEKGSVGWWWKFPEALSDM
GLFGQNMQYHYLGRAGYTIHVQCNASKFHQGCLLVVCVPEAEMGGAVVGQAFSATAMANGDKAYEFTSATQSDQTKVQTA
IHNAGMGVGVGNLTIYPHQWINLRTNNSATIVMPYINSVPMDNMFRHYNFTLMVIPFVKLDYADTASTYVPITVTVAPMC
AEYNGLRLAQA
;
B
3 'polypeptide(L)'
;GLPTMNTPGSTQFLTSDDFQSPCALPQFDVTPSMNIPGEVKNLMEIAEVDSVVPVNNVQDTTDQMEMFRIPVTINAPLQQ
QVFGLRLQPGLDSVFKHTLLGEILNYYAHWSGSMKLTFVFCGSAMATGKFLIAYSPPGANPPKTRKDAMLGTHIIWDIGL
QSSCVLCVPWISQTHYRLVQQDEYTSAGYVTCWYQTGMIVPPGTPNSSSIMCFASACNDFSVRMLRDTPFISQDNKLQ
;
C
4 'polypeptide(L)' GAQVSTQKTGAHETSLSAAGNSIIHYTNINYYKDAASNSANRQDFTQDPSKFTEPVKDVMIKSLPALN D
#
# COMPACT_ATOMS: atom_id res chain seq x y z
N GLY A 1 29.24 29.05 -23.86
CA GLY A 1 29.11 28.14 -22.68
C GLY A 1 28.81 26.71 -23.08
N ASP A 2 29.77 25.79 -22.88
CA ASP A 2 29.64 24.37 -23.27
C ASP A 2 29.35 23.54 -22.02
N VAL A 3 28.86 24.18 -20.96
CA VAL A 3 28.52 23.50 -19.68
C VAL A 3 27.26 24.15 -19.13
N GLU A 4 26.49 23.43 -18.32
CA GLU A 4 25.20 23.92 -17.77
C GLU A 4 25.11 23.43 -16.33
N GLU A 5 25.51 24.25 -15.37
CA GLU A 5 25.50 23.86 -13.94
C GLU A 5 24.06 23.68 -13.48
N ALA A 6 23.68 22.46 -13.07
CA ALA A 6 22.32 22.15 -12.59
C ALA A 6 22.27 22.35 -11.07
N VAL A 11 20.10 17.27 0.85
CA VAL A 11 19.92 18.65 0.44
C VAL A 11 18.70 19.24 1.13
N VAL A 12 17.74 18.36 1.41
CA VAL A 12 16.48 18.72 2.13
C VAL A 12 16.51 17.86 3.38
N HIS A 13 17.17 18.33 4.43
CA HIS A 13 17.32 17.54 5.68
C HIS A 13 15.97 17.41 6.37
N VAL A 14 15.83 16.45 7.27
CA VAL A 14 14.59 16.24 8.05
C VAL A 14 14.41 17.44 8.98
N ALA A 15 13.24 17.62 9.58
CA ALA A 15 12.92 18.79 10.43
C ALA A 15 13.82 18.85 11.67
N ASP A 16 14.10 20.04 12.20
CA ASP A 16 14.88 20.14 13.42
C ASP A 16 13.98 20.13 14.65
N THR A 17 14.59 20.13 15.82
CA THR A 17 13.90 20.16 17.09
C THR A 17 14.15 21.49 17.77
N MET A 18 13.07 22.17 18.17
CA MET A 18 13.16 23.48 18.78
C MET A 18 13.10 23.36 20.31
N ARG A 19 13.80 24.25 20.98
CA ARG A 19 13.81 24.26 22.43
C ARG A 19 12.43 24.59 22.97
N SER A 20 12.00 23.85 23.98
CA SER A 20 10.70 24.05 24.60
C SER A 20 10.87 24.07 26.12
N GLY A 21 10.13 24.96 26.78
CA GLY A 21 10.18 25.08 28.21
C GLY A 21 8.88 24.67 28.88
N PRO A 22 8.78 24.87 30.18
CA PRO A 22 7.53 24.54 30.89
C PRO A 22 6.37 25.35 30.35
N SER A 23 5.19 24.72 30.34
CA SER A 23 3.99 25.37 29.82
C SER A 23 2.80 25.05 30.73
N ASN A 24 1.86 25.98 30.78
CA ASN A 24 0.61 25.78 31.52
C ASN A 24 -0.43 26.71 30.89
N SER A 25 -1.28 26.15 30.04
CA SER A 25 -2.24 26.94 29.28
C SER A 25 -3.41 26.04 28.88
N ALA A 26 -4.38 26.65 28.21
CA ALA A 26 -5.56 25.92 27.76
C ALA A 26 -5.32 25.16 26.47
N SER A 27 -4.24 25.44 25.75
CA SER A 27 -3.94 24.69 24.54
C SER A 27 -3.53 23.26 24.90
N VAL A 28 -4.11 22.30 24.20
CA VAL A 28 -3.88 20.88 24.49
C VAL A 28 -3.52 20.15 23.21
N PRO A 29 -2.29 20.26 22.72
CA PRO A 29 -1.92 19.52 21.50
C PRO A 29 -2.07 18.02 21.64
N ALA A 30 -1.90 17.48 22.85
CA ALA A 30 -1.91 16.03 23.01
C ALA A 30 -3.24 15.41 22.63
N LEU A 31 -4.35 16.00 23.05
CA LEU A 31 -5.67 15.44 22.80
C LEU A 31 -6.11 15.76 21.37
N THR A 32 -6.68 14.77 20.70
CA THR A 32 -7.17 14.92 19.34
C THR A 32 -8.34 13.96 19.15
N ALA A 33 -8.72 13.73 17.90
CA ALA A 33 -9.82 12.82 17.59
C ALA A 33 -9.48 12.08 16.29
N VAL A 34 -9.20 10.78 16.40
CA VAL A 34 -8.89 9.98 15.24
C VAL A 34 -10.10 9.73 14.36
N GLU A 35 -11.31 10.01 14.85
CA GLU A 35 -12.51 9.76 14.07
C GLU A 35 -12.55 10.58 12.79
N THR A 36 -11.80 11.68 12.73
CA THR A 36 -11.76 12.52 11.55
C THR A 36 -10.95 11.91 10.42
N GLY A 37 -10.27 10.79 10.65
CA GLY A 37 -9.36 10.26 9.65
C GLY A 37 -8.08 11.03 9.52
N HIS A 38 -7.76 11.86 10.51
CA HIS A 38 -6.61 12.75 10.46
C HIS A 38 -5.52 12.24 11.39
N THR A 39 -4.30 12.11 10.87
CA THR A 39 -3.16 11.68 11.66
C THR A 39 -2.59 12.89 12.39
N SER A 40 -2.39 12.75 13.71
CA SER A 40 -1.92 13.87 14.50
C SER A 40 -0.54 14.32 14.04
N GLN A 41 -0.30 15.63 14.10
CA GLN A 41 0.95 16.24 13.68
C GLN A 41 1.78 16.71 14.87
N VAL A 42 1.56 16.13 16.05
CA VAL A 42 2.32 16.55 17.23
C VAL A 42 3.78 16.12 17.09
N THR A 43 4.63 16.77 17.87
CA THR A 43 6.05 16.53 17.92
C THR A 43 6.47 16.42 19.38
N PRO A 44 7.63 15.81 19.66
CA PRO A 44 8.05 15.70 21.06
C PRO A 44 8.17 17.04 21.76
N SER A 45 8.44 18.11 21.01
CA SER A 45 8.53 19.44 21.60
C SER A 45 7.20 19.90 22.20
N ASP A 46 6.09 19.27 21.81
CA ASP A 46 4.78 19.71 22.25
C ASP A 46 4.30 19.03 23.52
N THR A 47 5.04 18.04 24.03
CA THR A 47 4.61 17.30 25.21
C THR A 47 5.69 17.18 26.27
N MET A 48 6.90 17.68 26.02
CA MET A 48 7.95 17.64 27.02
C MET A 48 8.99 18.69 26.67
N GLN A 49 9.78 19.05 27.67
CA GLN A 49 10.88 19.99 27.44
C GLN A 49 11.95 19.34 26.58
N THR A 50 12.45 20.09 25.61
CA THR A 50 13.45 19.57 24.67
C THR A 50 14.53 20.62 24.44
N ARG A 51 15.71 20.14 24.09
CA ARG A 51 16.82 21.00 23.72
C ARG A 51 16.77 21.28 22.23
N HIS A 52 17.54 22.28 21.80
CA HIS A 52 17.66 22.59 20.39
C HIS A 52 18.62 21.61 19.74
N VAL A 53 18.16 20.94 18.69
CA VAL A 53 18.95 19.93 17.98
C VAL A 53 18.94 20.27 16.50
N LYS A 54 20.13 20.36 15.90
CA LYS A 54 20.26 20.55 14.43
C LYS A 54 20.44 19.16 13.84
N ASN A 55 19.53 18.72 12.98
CA ASN A 55 19.48 17.37 12.43
C ASN A 55 19.85 17.41 10.96
N TYR A 56 20.83 16.59 10.57
CA TYR A 56 21.31 16.53 9.21
C TYR A 56 20.88 15.27 8.47
N HIS A 57 20.04 14.44 9.09
CA HIS A 57 19.56 13.24 8.42
C HIS A 57 18.70 13.63 7.22
N SER A 58 18.78 12.82 6.17
CA SER A 58 18.02 13.05 4.94
C SER A 58 17.33 11.75 4.53
N ARG A 59 16.23 11.91 3.79
CA ARG A 59 15.41 10.79 3.33
C ARG A 59 15.72 10.43 1.89
N SER A 60 16.98 10.60 1.47
CA SER A 60 17.34 10.37 0.08
C SER A 60 17.12 8.92 -0.31
N GLU A 61 17.49 7.98 0.55
CA GLU A 61 17.42 6.56 0.22
C GLU A 61 16.02 6.00 0.27
N SER A 62 15.04 6.76 0.74
CA SER A 62 13.67 6.30 0.87
C SER A 62 12.79 6.69 -0.31
N THR A 63 13.33 7.38 -1.31
CA THR A 63 12.54 7.77 -2.46
C THR A 63 12.13 6.54 -3.27
N VAL A 64 11.01 6.66 -3.97
CA VAL A 64 10.53 5.53 -4.78
C VAL A 64 11.53 5.17 -5.86
N GLU A 65 12.19 6.18 -6.43
CA GLU A 65 13.16 5.93 -7.49
C GLU A 65 14.26 4.98 -7.00
N ASN A 66 14.80 5.24 -5.80
CA ASN A 66 15.83 4.39 -5.24
C ASN A 66 15.25 3.07 -4.74
N PHE A 67 14.05 3.08 -4.19
CA PHE A 67 13.46 1.86 -3.66
C PHE A 67 13.24 0.84 -4.77
N LEU A 68 12.74 1.27 -5.92
CA LEU A 68 12.51 0.40 -7.06
C LEU A 68 13.66 0.38 -8.04
N GLY A 69 14.71 1.17 -7.81
CA GLY A 69 15.83 1.23 -8.73
C GLY A 69 16.89 0.18 -8.48
N ARG A 70 16.48 -1.07 -8.35
CA ARG A 70 17.40 -2.18 -8.16
C ARG A 70 17.01 -3.33 -9.09
N SER A 71 18.01 -3.90 -9.75
CA SER A 71 17.75 -5.00 -10.67
C SER A 71 17.38 -6.26 -9.88
N ALA A 72 16.33 -6.94 -10.33
CA ALA A 72 15.84 -8.13 -9.66
C ALA A 72 15.48 -9.17 -10.71
N CYS A 73 15.81 -10.43 -10.42
CA CYS A 73 15.50 -11.51 -11.34
C CYS A 73 13.99 -11.71 -11.43
N VAL A 74 13.51 -12.00 -12.64
CA VAL A 74 12.09 -12.18 -12.88
C VAL A 74 11.77 -13.51 -13.55
N TYR A 75 12.76 -14.23 -14.09
CA TYR A 75 12.47 -15.50 -14.73
C TYR A 75 13.78 -16.21 -15.04
N MET A 76 13.76 -17.54 -14.91
CA MET A 76 14.84 -18.38 -15.41
C MET A 76 14.26 -19.63 -16.03
N GLU A 77 14.95 -20.13 -17.05
CA GLU A 77 14.53 -21.35 -17.74
C GLU A 77 15.75 -21.99 -18.37
N GLU A 78 15.64 -23.28 -18.64
CA GLU A 78 16.74 -24.07 -19.20
C GLU A 78 16.37 -24.59 -20.58
N TYR A 79 17.36 -24.66 -21.46
CA TYR A 79 17.18 -25.20 -22.80
C TYR A 79 18.46 -25.89 -23.22
N LYS A 80 18.31 -27.01 -23.93
CA LYS A 80 19.43 -27.84 -24.34
C LYS A 80 19.81 -27.56 -25.79
N THR A 81 21.10 -27.72 -26.08
CA THR A 81 21.58 -27.48 -27.44
C THR A 81 21.09 -28.56 -28.40
N THR A 82 20.99 -29.81 -27.93
CA THR A 82 20.52 -30.91 -28.75
C THR A 82 19.72 -31.88 -27.89
N ASP A 83 18.59 -32.34 -28.43
CA ASP A 83 17.74 -33.30 -27.72
C ASP A 83 16.69 -33.81 -28.70
N ASN A 84 16.03 -34.90 -28.31
CA ASN A 84 15.00 -35.48 -29.16
C ASN A 84 13.74 -34.63 -29.18
N ASP A 85 13.37 -34.04 -28.05
CA ASP A 85 12.16 -33.23 -27.97
C ASP A 85 12.44 -31.84 -28.56
N VAL A 86 11.65 -31.47 -29.56
CA VAL A 86 11.85 -30.18 -30.21
C VAL A 86 11.56 -29.03 -29.25
N ASN A 87 10.50 -29.17 -28.44
CA ASN A 87 10.11 -28.10 -27.54
C ASN A 87 11.11 -27.84 -26.44
N LYS A 88 12.06 -28.74 -26.22
CA LYS A 88 13.02 -28.62 -25.13
C LYS A 88 14.31 -27.92 -25.53
N LYS A 89 14.43 -27.50 -26.79
CA LYS A 89 15.64 -26.87 -27.29
C LYS A 89 15.52 -25.34 -27.36
N PHE A 90 14.43 -24.77 -26.88
CA PHE A 90 14.27 -23.33 -26.87
C PHE A 90 13.24 -22.94 -25.83
N VAL A 91 13.21 -21.66 -25.49
CA VAL A 91 12.34 -21.15 -24.45
C VAL A 91 11.32 -20.19 -25.07
N ALA A 92 10.15 -20.13 -24.43
CA ALA A 92 9.09 -19.22 -24.86
C ALA A 92 8.36 -18.76 -23.61
N TRP A 93 8.58 -17.50 -23.22
CA TRP A 93 8.07 -16.97 -21.96
C TRP A 93 7.14 -15.80 -22.21
N PRO A 94 5.87 -15.86 -21.81
CA PRO A 94 5.02 -14.66 -21.85
C PRO A 94 5.45 -13.68 -20.76
N ILE A 95 5.69 -12.44 -21.15
CA ILE A 95 6.25 -11.46 -20.22
C ILE A 95 5.25 -11.15 -19.12
N ASN A 96 5.71 -11.22 -17.88
CA ASN A 96 4.90 -10.84 -16.73
C ASN A 96 5.81 -10.71 -15.52
N THR A 97 5.39 -9.89 -14.57
CA THR A 97 6.18 -9.59 -13.38
C THR A 97 5.68 -10.31 -12.13
N LYS A 98 4.76 -11.27 -12.29
CA LYS A 98 4.16 -11.96 -11.15
C LYS A 98 4.82 -13.29 -10.85
N GLN A 99 5.90 -13.64 -11.54
CA GLN A 99 6.47 -14.98 -11.38
C GLN A 99 7.28 -15.11 -10.09
N MET A 100 8.02 -14.07 -9.70
CA MET A 100 8.93 -14.15 -8.57
C MET A 100 8.48 -13.24 -7.43
N VAL A 101 8.51 -13.81 -6.23
CA VAL A 101 7.75 -13.28 -5.11
C VAL A 101 8.31 -11.94 -4.64
N GLN A 102 9.63 -11.84 -4.54
CA GLN A 102 10.21 -10.61 -3.98
C GLN A 102 9.85 -9.40 -4.83
N MET A 103 10.11 -9.47 -6.13
CA MET A 103 9.79 -8.34 -7.00
C MET A 103 8.28 -8.15 -7.10
N ARG A 104 7.52 -9.24 -7.09
CA ARG A 104 6.06 -9.11 -7.13
C ARG A 104 5.56 -8.29 -5.95
N ARG A 105 6.03 -8.62 -4.74
CA ARG A 105 5.61 -7.88 -3.57
C ARG A 105 6.10 -6.44 -3.60
N LYS A 106 7.35 -6.23 -4.04
CA LYS A 106 7.85 -4.86 -4.12
C LYS A 106 7.00 -4.01 -5.04
N LEU A 107 6.61 -4.56 -6.19
CA LEU A 107 5.79 -3.78 -7.13
C LEU A 107 4.37 -3.61 -6.62
N GLU A 108 3.82 -4.63 -5.96
CA GLU A 108 2.43 -4.62 -5.53
C GLU A 108 2.15 -3.66 -4.38
N MET A 109 3.12 -2.88 -3.91
CA MET A 109 2.83 -1.88 -2.89
C MET A 109 2.16 -0.63 -3.46
N PHE A 110 2.06 -0.52 -4.77
CA PHE A 110 1.41 0.60 -5.43
C PHE A 110 0.41 0.08 -6.44
N THR A 111 -0.64 0.87 -6.68
CA THR A 111 -1.69 0.46 -7.62
C THR A 111 -1.31 0.73 -9.07
N TYR A 112 -0.70 1.88 -9.34
CA TYR A 112 -0.34 2.28 -10.70
C TYR A 112 1.12 2.70 -10.74
N LEU A 113 1.81 2.29 -11.80
CA LEU A 113 3.22 2.61 -11.98
C LEU A 113 3.47 3.06 -13.40
N ARG A 114 4.47 3.92 -13.58
CA ARG A 114 4.88 4.42 -14.89
C ARG A 114 6.38 4.62 -14.87
N PHE A 115 7.09 3.83 -15.67
CA PHE A 115 8.55 3.88 -15.63
C PHE A 115 9.12 3.32 -16.93
N ASP A 116 10.37 3.67 -17.19
CA ASP A 116 11.15 2.99 -18.21
C ASP A 116 11.79 1.73 -17.60
N MET A 117 12.23 0.84 -18.47
CA MET A 117 12.77 -0.44 -18.05
C MET A 117 14.16 -0.65 -18.61
N GLU A 118 15.00 -1.30 -17.81
CA GLU A 118 16.35 -1.71 -18.22
C GLU A 118 16.45 -3.21 -18.01
N VAL A 119 16.72 -3.95 -19.08
CA VAL A 119 16.71 -5.41 -19.06
C VAL A 119 18.12 -5.91 -19.23
N THR A 120 18.53 -6.83 -18.36
CA THR A 120 19.85 -7.46 -18.43
C THR A 120 19.66 -8.98 -18.45
N PHE A 121 20.47 -9.65 -19.25
CA PHE A 121 20.38 -11.09 -19.43
C PHE A 121 21.68 -11.75 -18.98
N VAL A 122 21.57 -12.77 -18.14
CA VAL A 122 22.71 -13.54 -17.67
C VAL A 122 22.52 -14.97 -18.17
N ILE A 123 23.50 -15.47 -18.92
CA ILE A 123 23.43 -16.78 -19.55
C ILE A 123 24.64 -17.59 -19.12
N THR A 124 24.41 -18.84 -18.72
CA THR A 124 25.47 -19.75 -18.34
C THR A 124 25.19 -21.12 -18.95
N SER A 125 26.26 -21.88 -19.18
CA SER A 125 26.16 -23.18 -19.84
C SER A 125 26.95 -24.20 -19.04
N ARG A 126 26.49 -25.45 -19.12
CA ARG A 126 27.17 -26.56 -18.46
C ARG A 126 26.97 -27.82 -19.28
N GLN A 127 27.94 -28.73 -19.19
CA GLN A 127 27.88 -29.97 -19.94
C GLN A 127 27.15 -31.04 -19.14
N ASP A 128 26.17 -31.67 -19.77
CA ASP A 128 25.37 -32.66 -19.09
C ASP A 128 26.20 -33.91 -18.77
N PRO A 129 25.89 -34.60 -17.68
CA PRO A 129 26.64 -35.82 -17.35
C PRO A 129 26.35 -36.93 -18.35
N GLY A 130 27.31 -37.83 -18.48
CA GLY A 130 27.16 -38.95 -19.40
C GLY A 130 28.33 -39.90 -19.26
N THR A 131 28.25 -41.00 -20.04
CA THR A 131 29.30 -42.00 -20.02
C THR A 131 30.51 -41.60 -20.84
N THR A 132 30.37 -40.63 -21.75
CA THR A 132 31.48 -40.19 -22.59
C THR A 132 31.39 -38.67 -22.72
N LEU A 133 32.37 -37.97 -22.13
CA LEU A 133 32.34 -36.51 -22.07
C LEU A 133 33.42 -35.85 -22.92
N ALA A 134 34.34 -36.62 -23.50
CA ALA A 134 35.46 -36.03 -24.23
C ALA A 134 34.98 -35.43 -25.54
N GLN A 135 35.05 -34.11 -25.65
CA GLN A 135 34.72 -33.42 -26.89
C GLN A 135 35.34 -32.03 -26.87
N ASP A 136 35.43 -31.43 -28.04
CA ASP A 136 35.94 -30.07 -28.20
C ASP A 136 34.90 -29.25 -28.96
N MET A 137 34.45 -28.15 -28.35
CA MET A 137 33.44 -27.29 -28.95
C MET A 137 33.91 -25.83 -28.88
N PRO A 138 33.80 -25.08 -29.98
CA PRO A 138 34.09 -23.64 -29.90
C PRO A 138 33.11 -22.91 -29.00
N VAL A 139 33.31 -21.60 -28.82
CA VAL A 139 32.42 -20.82 -27.98
C VAL A 139 31.02 -20.80 -28.58
N LEU A 140 30.01 -20.86 -27.71
CA LEU A 140 28.62 -20.87 -28.14
C LEU A 140 28.11 -19.44 -28.31
N THR A 141 27.03 -19.31 -29.08
CA THR A 141 26.37 -18.04 -29.30
C THR A 141 24.87 -18.21 -29.09
N HIS A 142 24.22 -17.16 -28.59
CA HIS A 142 22.81 -17.21 -28.25
C HIS A 142 22.08 -16.04 -28.89
N GLN A 143 20.82 -16.25 -29.20
CA GLN A 143 19.96 -15.23 -29.79
C GLN A 143 18.73 -15.04 -28.89
N ILE A 144 18.40 -13.79 -28.62
CA ILE A 144 17.22 -13.44 -27.84
C ILE A 144 16.27 -12.68 -28.76
N MET A 145 15.04 -13.18 -28.88
CA MET A 145 14.04 -12.61 -29.76
C MET A 145 12.86 -12.11 -28.96
N TYR A 146 12.39 -10.91 -29.29
CA TYR A 146 11.22 -10.32 -28.65
C TYR A 146 10.12 -10.19 -29.70
N VAL A 147 8.96 -10.76 -29.42
CA VAL A 147 7.84 -10.77 -30.36
C VAL A 147 6.67 -10.01 -29.75
N PRO A 148 6.39 -8.79 -30.21
CA PRO A 148 5.20 -8.08 -29.74
C PRO A 148 3.95 -8.90 -29.99
N PRO A 149 2.84 -8.58 -29.33
CA PRO A 149 1.64 -9.41 -29.47
C PRO A 149 1.16 -9.46 -30.91
N GLY A 150 0.71 -10.65 -31.32
CA GLY A 150 0.18 -10.85 -32.65
C GLY A 150 1.19 -11.26 -33.70
N GLY A 151 2.48 -11.19 -33.40
CA GLY A 151 3.50 -11.56 -34.36
C GLY A 151 3.64 -13.06 -34.46
N PRO A 152 4.35 -13.49 -35.51
CA PRO A 152 4.59 -14.94 -35.68
C PRO A 152 5.45 -15.49 -34.55
N ILE A 153 5.20 -16.75 -34.21
CA ILE A 153 5.89 -17.43 -33.13
C ILE A 153 6.61 -18.63 -33.73
N PRO A 154 7.91 -18.81 -33.48
CA PRO A 154 8.59 -19.99 -34.01
C PRO A 154 8.08 -21.28 -33.36
N ALA A 155 8.08 -22.35 -34.14
CA ALA A 155 7.66 -23.66 -33.66
C ALA A 155 8.82 -24.62 -33.47
N LYS A 156 10.03 -24.25 -33.86
CA LYS A 156 11.20 -25.10 -33.69
C LYS A 156 12.44 -24.23 -33.73
N VAL A 157 13.57 -24.83 -33.36
CA VAL A 157 14.81 -24.06 -33.22
C VAL A 157 15.24 -23.46 -34.56
N ASP A 158 15.03 -24.18 -35.66
CA ASP A 158 15.47 -23.77 -36.98
C ASP A 158 14.31 -23.27 -37.83
N ASP A 159 13.33 -22.61 -37.20
CA ASP A 159 12.19 -22.08 -37.92
C ASP A 159 12.56 -20.81 -38.67
N TYR A 160 11.76 -20.48 -39.68
CA TYR A 160 12.02 -19.29 -40.47
C TYR A 160 11.82 -18.01 -39.68
N ALA A 161 11.03 -18.05 -38.61
CA ALA A 161 10.73 -16.84 -37.86
C ALA A 161 11.97 -16.22 -37.22
N TRP A 162 13.05 -16.99 -37.10
CA TRP A 162 14.28 -16.50 -36.46
C TRP A 162 15.07 -15.55 -37.34
N GLN A 163 14.52 -15.13 -38.48
CA GLN A 163 15.21 -14.25 -39.42
C GLN A 163 14.77 -12.80 -39.24
N THR A 164 14.59 -12.38 -38.00
CA THR A 164 13.93 -11.12 -37.65
C THR A 164 14.29 -10.00 -38.61
N SER A 165 13.26 -9.39 -39.20
CA SER A 165 13.42 -8.19 -40.01
C SER A 165 12.86 -6.96 -39.33
N THR A 166 11.93 -7.13 -38.38
CA THR A 166 11.36 -6.00 -37.65
C THR A 166 11.43 -6.25 -36.15
N ASN A 167 11.38 -7.51 -35.75
CA ASN A 167 11.45 -7.84 -34.33
C ASN A 167 12.86 -7.59 -33.81
N PRO A 168 13.05 -6.78 -32.76
CA PRO A 168 14.39 -6.60 -32.22
C PRO A 168 14.97 -7.89 -31.67
N SER A 169 16.28 -8.04 -31.80
CA SER A 169 16.96 -9.24 -31.33
C SER A 169 18.37 -8.87 -30.90
N ILE A 170 18.95 -9.73 -30.07
CA ILE A 170 20.31 -9.56 -29.56
C ILE A 170 21.06 -10.87 -29.76
N PHE A 171 22.26 -10.78 -30.33
CA PHE A 171 23.15 -11.92 -30.48
C PHE A 171 24.30 -11.75 -29.50
N TRP A 172 24.54 -12.78 -28.68
CA TRP A 172 25.51 -12.69 -27.60
C TRP A 172 26.41 -13.92 -27.61
N THR A 173 27.68 -13.70 -27.33
CA THR A 173 28.68 -14.77 -27.31
C THR A 173 29.20 -14.96 -25.88
N GLU A 174 29.35 -16.21 -25.48
CA GLU A 174 29.78 -16.51 -24.12
C GLU A 174 31.18 -15.97 -23.87
N GLY A 175 31.42 -15.52 -22.63
CA GLY A 175 32.69 -14.98 -22.22
C GLY A 175 32.74 -13.47 -22.15
N ASN A 176 31.74 -12.78 -22.69
CA ASN A 176 31.69 -11.33 -22.68
C ASN A 176 30.79 -10.85 -21.54
N ALA A 177 30.57 -9.54 -21.47
CA ALA A 177 29.70 -8.99 -20.44
C ALA A 177 28.25 -9.36 -20.73
N PRO A 178 27.40 -9.41 -19.70
CA PRO A 178 25.99 -9.71 -19.94
C PRO A 178 25.33 -8.67 -20.83
N ALA A 179 24.38 -9.12 -21.64
CA ALA A 179 23.67 -8.23 -22.54
C ALA A 179 22.78 -7.27 -21.74
N ARG A 180 22.65 -6.05 -22.24
CA ARG A 180 21.84 -5.04 -21.59
C ARG A 180 21.14 -4.21 -22.65
N MET A 181 20.01 -3.63 -22.27
CA MET A 181 19.13 -2.95 -23.22
C MET A 181 18.11 -2.15 -22.44
N SER A 182 17.49 -1.18 -23.12
CA SER A 182 16.52 -0.29 -22.51
C SER A 182 15.18 -0.40 -23.23
N ILE A 183 14.10 -0.24 -22.47
CA ILE A 183 12.75 -0.29 -23.04
C ILE A 183 11.98 0.92 -22.52
N PRO A 184 11.27 1.66 -23.37
CA PRO A 184 10.47 2.78 -22.88
C PRO A 184 9.15 2.33 -22.26
N PHE A 185 8.30 3.30 -21.91
CA PHE A 185 6.97 3.01 -21.36
C PHE A 185 6.06 2.59 -22.50
N ILE A 186 5.66 1.31 -22.53
CA ILE A 186 4.99 0.73 -23.68
C ILE A 186 3.58 0.26 -23.34
N SER A 187 2.91 0.95 -22.43
CA SER A 187 1.55 0.60 -22.08
C SER A 187 0.56 1.41 -22.90
N ILE A 188 -0.53 0.74 -23.33
CA ILE A 188 -1.56 1.44 -24.08
C ILE A 188 -2.25 2.48 -23.22
N GLY A 189 -2.39 2.20 -21.92
CA GLY A 189 -2.97 3.16 -21.00
C GLY A 189 -1.94 4.19 -20.55
N ASN A 190 -2.37 5.02 -19.61
CA ASN A 190 -1.50 6.06 -19.07
C ASN A 190 -0.57 5.56 -17.98
N ALA A 191 -0.73 4.32 -17.53
CA ALA A 191 0.13 3.78 -16.49
C ALA A 191 -0.15 2.28 -16.34
N TYR A 192 0.88 1.55 -15.93
CA TYR A 192 0.72 0.13 -15.65
C TYR A 192 -0.22 -0.07 -14.48
N SER A 193 -0.94 -1.20 -14.50
CA SER A 193 -1.89 -1.54 -13.45
C SER A 193 -1.49 -2.87 -12.84
N ASN A 194 -1.11 -2.86 -11.56
CA ASN A 194 -0.80 -4.09 -10.86
C ASN A 194 -2.06 -4.87 -10.50
N PHE A 195 -3.19 -4.18 -10.33
CA PHE A 195 -4.45 -4.80 -9.99
C PHE A 195 -5.53 -4.30 -10.93
N TYR A 196 -6.50 -5.18 -11.21
CA TYR A 196 -7.63 -4.84 -12.07
C TYR A 196 -8.85 -5.59 -11.55
N ASP A 197 -9.73 -4.87 -10.84
CA ASP A 197 -10.96 -5.45 -10.32
C ASP A 197 -12.05 -5.31 -11.39
N GLY A 198 -12.05 -6.25 -12.31
CA GLY A 198 -13.01 -6.21 -13.39
C GLY A 198 -12.93 -7.48 -14.22
N TRP A 199 -13.80 -7.55 -15.22
CA TRP A 199 -13.91 -8.69 -16.11
C TRP A 199 -13.46 -8.32 -17.52
N SER A 200 -13.43 -9.32 -18.39
CA SER A 200 -13.04 -9.11 -19.78
C SER A 200 -14.24 -8.80 -20.67
N ASN A 201 -15.33 -9.54 -20.52
CA ASN A 201 -16.52 -9.31 -21.32
C ASN A 201 -17.40 -8.25 -20.66
N PHE A 202 -18.20 -7.58 -21.49
CA PHE A 202 -19.04 -6.49 -21.00
C PHE A 202 -20.18 -6.97 -20.13
N ASP A 203 -20.54 -8.26 -20.21
CA ASP A 203 -21.60 -8.83 -19.39
C ASP A 203 -21.08 -9.46 -18.11
N GLN A 204 -19.91 -9.01 -17.64
CA GLN A 204 -19.31 -9.52 -16.41
C GLN A 204 -19.11 -11.03 -16.48
N ARG A 205 -18.32 -11.46 -17.44
CA ARG A 205 -18.04 -12.88 -17.62
C ARG A 205 -16.64 -12.99 -18.22
N GLY A 206 -16.06 -14.18 -18.17
CA GLY A 206 -14.76 -14.44 -18.77
C GLY A 206 -13.63 -14.35 -17.78
N SER A 207 -12.46 -13.91 -18.24
CA SER A 207 -11.30 -13.77 -17.36
C SER A 207 -11.54 -12.66 -16.35
N TYR A 208 -10.97 -12.84 -15.16
CA TYR A 208 -11.10 -11.89 -14.07
C TYR A 208 -9.73 -11.58 -13.49
N GLY A 209 -9.50 -10.31 -13.18
CA GLY A 209 -8.30 -9.90 -12.49
C GLY A 209 -7.25 -9.29 -13.40
N TYR A 210 -6.01 -9.16 -12.92
CA TYR A 210 -4.93 -8.51 -13.70
C TYR A 210 -4.53 -9.36 -14.90
N ASN A 211 -4.96 -10.61 -15.00
CA ASN A 211 -4.61 -11.39 -16.19
C ASN A 211 -5.17 -10.78 -17.46
N THR A 212 -6.20 -9.95 -17.36
CA THR A 212 -6.84 -9.42 -18.57
C THR A 212 -6.00 -8.35 -19.25
N LEU A 213 -5.16 -7.65 -18.50
CA LEU A 213 -4.38 -6.53 -19.03
C LEU A 213 -2.95 -6.91 -19.40
N ASN A 214 -2.61 -8.19 -19.37
CA ASN A 214 -1.26 -8.65 -19.66
C ASN A 214 -1.17 -9.01 -21.14
N ASN A 215 -0.67 -8.09 -21.95
CA ASN A 215 -0.50 -8.29 -23.39
C ASN A 215 0.84 -7.73 -23.84
N LEU A 216 1.89 -8.02 -23.09
CA LEU A 216 3.20 -7.45 -23.35
C LEU A 216 4.01 -8.22 -24.40
N GLY A 217 3.63 -9.44 -24.73
CA GLY A 217 4.29 -10.21 -25.75
C GLY A 217 5.02 -11.43 -25.20
N HIS A 218 6.03 -11.87 -25.95
CA HIS A 218 6.79 -13.06 -25.62
C HIS A 218 8.27 -12.80 -25.83
N ILE A 219 9.09 -13.69 -25.27
CA ILE A 219 10.54 -13.67 -25.47
C ILE A 219 10.98 -15.09 -25.82
N TYR A 220 11.84 -15.21 -26.83
CA TYR A 220 12.33 -16.50 -27.29
C TYR A 220 13.85 -16.50 -27.29
N VAL A 221 14.43 -17.66 -26.95
CA VAL A 221 15.87 -17.81 -26.88
C VAL A 221 16.26 -19.15 -27.47
N ARG A 222 17.41 -19.20 -28.12
CA ARG A 222 17.90 -20.42 -28.74
C ARG A 222 19.42 -20.31 -28.92
N HIS A 223 20.04 -21.48 -29.13
CA HIS A 223 21.41 -21.51 -29.62
C HIS A 223 21.42 -21.23 -31.12
N VAL A 224 22.26 -20.29 -31.53
CA VAL A 224 22.25 -19.86 -32.94
C VAL A 224 22.41 -21.05 -33.86
N SER A 225 23.57 -21.71 -33.78
CA SER A 225 23.82 -22.90 -34.59
C SER A 225 24.53 -24.01 -33.84
N GLY A 226 24.81 -23.84 -32.55
CA GLY A 226 25.50 -24.86 -31.79
C GLY A 226 24.72 -26.16 -31.73
N SER A 227 25.39 -27.26 -32.06
CA SER A 227 24.80 -28.59 -31.93
C SER A 227 25.96 -29.55 -31.61
N SER A 228 26.19 -29.76 -30.32
CA SER A 228 27.31 -30.56 -29.88
C SER A 228 27.04 -32.05 -30.09
N PRO A 229 28.09 -32.85 -30.23
CA PRO A 229 27.89 -34.31 -30.25
C PRO A 229 27.23 -34.82 -28.98
N HIS A 230 27.49 -34.16 -27.84
CA HIS A 230 26.87 -34.51 -26.58
C HIS A 230 26.02 -33.35 -26.06
N PRO A 231 24.95 -33.63 -25.33
CA PRO A 231 24.05 -32.54 -24.90
C PRO A 231 24.76 -31.52 -24.03
N ILE A 232 24.37 -30.27 -24.19
CA ILE A 232 24.82 -29.17 -23.34
C ILE A 232 23.59 -28.36 -22.93
N THR A 233 23.51 -28.02 -21.65
CA THR A 233 22.37 -27.30 -21.09
C THR A 233 22.77 -25.88 -20.76
N SER A 234 21.91 -24.93 -21.08
CA SER A 234 22.13 -23.52 -20.80
C SER A 234 20.95 -22.97 -20.02
N THR A 235 21.24 -21.97 -19.19
CA THR A 235 20.23 -21.30 -18.38
C THR A 235 20.32 -19.79 -18.59
N ILE A 236 19.16 -19.15 -18.65
CA ILE A 236 19.07 -17.71 -18.85
C ILE A 236 18.30 -17.11 -17.69
N ARG A 237 18.77 -15.97 -17.19
CA ARG A 237 18.10 -15.22 -16.13
C ARG A 237 17.83 -13.81 -16.62
N VAL A 238 16.61 -13.33 -16.35
CA VAL A 238 16.16 -12.02 -16.81
C VAL A 238 16.04 -11.10 -15.60
N TYR A 239 16.59 -9.90 -15.71
CA TYR A 239 16.60 -8.92 -14.63
C TYR A 239 15.96 -7.64 -15.11
N PHE A 240 15.03 -7.11 -14.31
CA PHE A 240 14.33 -5.87 -14.59
C PHE A 240 14.75 -4.79 -13.60
N LYS A 241 14.90 -3.58 -14.10
CA LYS A 241 15.35 -2.45 -13.29
C LYS A 241 14.57 -1.20 -13.73
N PRO A 242 13.49 -0.87 -13.04
CA PRO A 242 12.73 0.32 -13.43
C PRO A 242 13.56 1.59 -13.33
N LYS A 243 13.28 2.53 -14.24
CA LYS A 243 13.93 3.82 -14.28
C LYS A 243 12.88 4.91 -14.44
N HIS A 244 13.17 6.08 -13.88
CA HIS A 244 12.29 7.25 -14.02
C HIS A 244 10.88 6.92 -13.52
N THR A 245 10.80 6.45 -12.28
CA THR A 245 9.58 5.84 -11.78
C THR A 245 8.63 6.87 -11.21
N ARG A 246 7.33 6.57 -11.31
CA ARG A 246 6.26 7.35 -10.70
C ARG A 246 5.20 6.38 -10.22
N ALA A 247 4.64 6.63 -9.05
CA ALA A 247 3.70 5.71 -8.42
C ALA A 247 2.50 6.48 -7.88
N TRP A 248 1.37 5.78 -7.76
CA TRP A 248 0.14 6.37 -7.25
C TRP A 248 -0.59 5.36 -6.37
N VAL A 249 -1.40 5.89 -5.45
CA VAL A 249 -2.32 5.09 -4.65
C VAL A 249 -1.60 3.93 -3.97
N PRO A 250 -0.80 4.19 -2.94
CA PRO A 250 -0.18 3.09 -2.20
C PRO A 250 -1.20 2.23 -1.49
N ARG A 251 -0.86 0.96 -1.32
CA ARG A 251 -1.73 -0.02 -0.69
C ARG A 251 -0.92 -0.85 0.28
N PRO A 252 -1.57 -1.48 1.26
CA PRO A 252 -0.83 -2.19 2.30
C PRO A 252 -0.05 -3.35 1.69
N PRO A 253 1.12 -3.66 2.24
CA PRO A 253 1.88 -4.81 1.74
C PRO A 253 1.14 -6.10 1.99
N ARG A 254 1.39 -7.09 1.13
CA ARG A 254 0.74 -8.38 1.26
C ARG A 254 1.21 -9.10 2.52
N LEU A 255 0.33 -9.93 3.07
CA LEU A 255 0.61 -10.71 4.28
C LEU A 255 0.65 -12.21 4.02
N CYS A 256 -0.24 -12.72 3.18
CA CYS A 256 -0.29 -14.16 2.92
C CYS A 256 0.68 -14.52 1.80
N GLN A 257 1.18 -15.75 1.86
CA GLN A 257 2.10 -16.23 0.84
C GLN A 257 1.39 -16.38 -0.49
N TYR A 258 2.10 -16.05 -1.57
CA TYR A 258 1.57 -16.21 -2.92
C TYR A 258 1.41 -17.70 -3.24
N LYS A 259 0.39 -17.99 -4.05
CA LYS A 259 0.14 -19.36 -4.48
C LYS A 259 -0.12 -19.52 -5.97
N LYS A 260 -0.47 -18.46 -6.68
CA LYS A 260 -0.71 -18.52 -8.12
C LYS A 260 -0.03 -17.35 -8.81
N ALA A 261 0.43 -17.60 -10.03
CA ALA A 261 1.15 -16.59 -10.79
C ALA A 261 0.23 -15.60 -11.48
N PHE A 262 -1.06 -15.90 -11.60
CA PHE A 262 -2.01 -15.02 -12.30
C PHE A 262 -3.29 -14.85 -11.50
N SER A 263 -3.20 -14.88 -10.18
CA SER A 263 -4.39 -14.75 -9.33
C SER A 263 -3.97 -14.24 -7.97
N VAL A 264 -4.95 -13.72 -7.23
CA VAL A 264 -4.71 -13.24 -5.87
C VAL A 264 -5.04 -14.30 -4.83
N ASP A 265 -5.43 -15.50 -5.25
CA ASP A 265 -5.83 -16.55 -4.32
C ASP A 265 -4.81 -16.69 -3.19
N PHE A 266 -5.30 -17.03 -2.02
CA PHE A 266 -4.45 -17.14 -0.83
C PHE A 266 -5.15 -18.02 0.19
N THR A 267 -4.42 -18.31 1.27
CA THR A 267 -4.97 -19.02 2.40
C THR A 267 -4.98 -18.11 3.63
N PRO A 268 -6.02 -18.14 4.45
CA PRO A 268 -6.04 -17.25 5.62
C PRO A 268 -4.84 -17.48 6.52
N THR A 269 -4.30 -16.39 7.06
CA THR A 269 -3.11 -16.40 7.87
C THR A 269 -3.34 -15.61 9.15
N PRO A 270 -2.71 -16.00 10.26
CA PRO A 270 -2.83 -15.21 11.48
C PRO A 270 -2.25 -13.81 11.29
N ILE A 271 -2.80 -12.85 12.05
CA ILE A 271 -2.35 -11.47 11.93
C ILE A 271 -0.88 -11.35 12.28
N THR A 272 -0.45 -12.00 13.36
CA THR A 272 0.94 -11.94 13.80
C THR A 272 1.17 -13.07 14.80
N ASP A 273 2.38 -13.12 15.34
CA ASP A 273 2.74 -14.13 16.31
C ASP A 273 2.19 -13.79 17.69
N THR A 274 2.26 -14.77 18.59
CA THR A 274 1.69 -14.65 19.93
C THR A 274 2.78 -14.56 20.98
N ARG A 275 2.36 -14.22 22.19
CA ARG A 275 3.24 -14.17 23.36
C ARG A 275 2.47 -14.66 24.57
N LYS A 276 3.18 -14.85 25.68
CA LYS A 276 2.59 -15.49 26.85
C LYS A 276 1.34 -14.75 27.32
N ASP A 277 1.45 -13.43 27.48
CA ASP A 277 0.30 -12.63 27.91
C ASP A 277 0.54 -11.18 27.51
N ILE A 278 -0.45 -10.34 27.80
CA ILE A 278 -0.41 -8.94 27.42
C ILE A 278 0.65 -8.16 28.17
N ASN A 279 1.13 -8.67 29.31
CA ASN A 279 2.13 -7.98 30.11
C ASN A 279 3.54 -8.51 29.90
N THR A 280 3.69 -9.69 29.28
CA THR A 280 5.02 -10.24 29.06
C THR A 280 5.85 -9.28 28.20
N VAL A 281 7.06 -8.98 28.67
CA VAL A 281 7.95 -8.07 27.97
C VAL A 281 9.35 -8.67 27.87
N THR A 282 9.58 -9.77 28.60
CA THR A 282 10.88 -10.41 28.58
C THR A 282 11.04 -11.26 27.33
N SER B 1 -20.49 26.23 15.92
CA SER B 1 -20.05 24.86 16.11
C SER B 1 -19.69 24.21 14.78
N ASP B 2 -18.60 23.44 14.77
CA ASP B 2 -18.16 22.72 13.59
C ASP B 2 -18.65 21.28 13.57
N ARG B 3 -19.53 20.91 14.50
CA ARG B 3 -20.04 19.55 14.59
C ARG B 3 -21.33 19.35 13.81
N VAL B 4 -21.79 20.37 13.09
CA VAL B 4 -22.98 20.30 12.26
C VAL B 4 -22.57 20.51 10.81
N ARG B 5 -23.06 19.64 9.93
CA ARG B 5 -22.70 19.67 8.52
C ARG B 5 -23.97 19.56 7.68
N SER B 6 -23.94 20.20 6.52
CA SER B 6 -25.06 20.16 5.59
C SER B 6 -24.52 20.02 4.17
N ILE B 7 -25.08 19.08 3.42
CA ILE B 7 -24.66 18.79 2.06
C ILE B 7 -25.89 18.86 1.15
N THR B 8 -25.79 19.59 0.05
CA THR B 8 -26.88 19.79 -0.88
C THR B 8 -26.42 19.42 -2.29
N LEU B 9 -26.97 18.35 -2.83
CA LEU B 9 -26.70 17.92 -4.20
C LEU B 9 -28.02 17.73 -4.93
N GLY B 10 -28.16 18.37 -6.08
CA GLY B 10 -29.38 18.22 -6.84
C GLY B 10 -30.59 18.66 -6.03
N ASN B 11 -31.62 17.82 -6.01
CA ASN B 11 -32.85 18.09 -5.29
C ASN B 11 -32.91 17.32 -3.97
N SER B 12 -31.76 17.00 -3.39
CA SER B 12 -31.69 16.27 -2.13
C SER B 12 -30.72 16.97 -1.19
N THR B 13 -30.97 16.84 0.11
CA THR B 13 -30.13 17.46 1.12
C THR B 13 -29.89 16.47 2.25
N ILE B 14 -28.69 16.54 2.82
CA ILE B 14 -28.30 15.71 3.96
C ILE B 14 -27.88 16.64 5.09
N THR B 15 -28.47 16.44 6.26
CA THR B 15 -28.16 17.23 7.44
C THR B 15 -27.75 16.30 8.56
N THR B 16 -26.62 16.60 9.20
CA THR B 16 -26.15 15.85 10.35
C THR B 16 -25.81 16.81 11.47
N GLN B 17 -26.31 16.57 12.68
CA GLN B 17 -26.06 17.45 13.84
C GLN B 17 -24.93 16.87 14.67
N GLU B 18 -24.48 15.66 14.33
CA GLU B 18 -23.48 14.98 15.15
C GLU B 18 -22.52 14.26 14.19
N CYS B 19 -21.45 14.95 13.82
CA CYS B 19 -20.53 14.42 12.81
C CYS B 19 -19.15 14.99 13.02
N ALA B 20 -18.16 14.29 12.45
CA ALA B 20 -16.78 14.75 12.44
C ALA B 20 -16.52 15.53 11.15
N ASN B 21 -15.25 15.82 10.87
CA ASN B 21 -14.90 16.54 9.66
C ASN B 21 -15.20 15.69 8.43
N VAL B 22 -14.91 16.24 7.25
CA VAL B 22 -15.14 15.57 5.98
C VAL B 22 -13.78 15.27 5.35
N VAL B 23 -13.59 14.03 4.91
CA VAL B 23 -12.37 13.59 4.27
C VAL B 23 -12.55 13.70 2.76
N VAL B 24 -11.58 14.33 2.09
CA VAL B 24 -11.65 14.54 0.65
C VAL B 24 -10.59 13.68 -0.04
N GLY B 25 -10.96 12.45 -0.39
CA GLY B 25 -10.11 11.59 -1.19
C GLY B 25 -8.64 11.69 -0.85
N TYR B 26 -7.82 11.99 -1.86
CA TYR B 26 -6.39 12.27 -1.68
C TYR B 26 -6.12 13.76 -1.76
N GLY B 27 -7.03 14.58 -1.26
CA GLY B 27 -6.90 16.01 -1.36
C GLY B 27 -7.38 16.59 -2.68
N ARG B 28 -8.01 15.80 -3.53
CA ARG B 28 -8.47 16.24 -4.84
C ARG B 28 -9.99 16.25 -4.89
N TRP B 29 -10.55 17.37 -5.31
CA TRP B 29 -11.99 17.48 -5.46
C TRP B 29 -12.42 16.97 -6.83
N PRO B 30 -13.59 16.33 -6.93
CA PRO B 30 -14.04 15.86 -8.25
C PRO B 30 -14.19 17.01 -9.23
N THR B 31 -13.88 16.73 -10.49
CA THR B 31 -13.94 17.74 -11.53
C THR B 31 -14.17 17.06 -12.88
N TYR B 32 -14.56 17.88 -13.86
CA TYR B 32 -14.81 17.39 -15.20
C TYR B 32 -13.49 17.13 -15.93
N LEU B 33 -13.56 16.28 -16.95
CA LEU B 33 -12.38 15.95 -17.74
C LEU B 33 -11.93 17.15 -18.56
N ARG B 34 -10.61 17.36 -18.58
CA ARG B 34 -10.05 18.50 -19.31
C ARG B 34 -9.91 18.18 -20.80
N ASP B 35 -9.70 19.23 -21.59
CA ASP B 35 -9.59 19.06 -23.03
C ASP B 35 -8.28 18.40 -23.42
N ASP B 36 -7.21 18.65 -22.68
CA ASP B 36 -5.89 18.15 -23.03
C ASP B 36 -5.59 16.77 -22.45
N GLU B 37 -6.57 16.14 -21.78
CA GLU B 37 -6.43 14.77 -21.32
C GLU B 37 -7.44 13.83 -21.95
N ALA B 38 -8.44 14.33 -22.66
CA ALA B 38 -9.46 13.47 -23.23
C ALA B 38 -8.91 12.70 -24.44
N THR B 39 -9.56 11.59 -24.73
CA THR B 39 -9.22 10.76 -25.88
C THR B 39 -10.40 10.55 -26.82
N ALA B 40 -11.60 10.41 -26.29
CA ALA B 40 -12.79 10.31 -27.14
C ALA B 40 -13.07 11.65 -27.80
N GLU B 41 -13.65 11.60 -28.99
CA GLU B 41 -13.82 12.80 -29.81
C GLU B 41 -15.21 13.42 -29.73
N ASP B 42 -16.26 12.59 -29.64
CA ASP B 42 -17.65 13.12 -29.69
C ASP B 42 -18.04 13.80 -28.37
N GLN B 43 -18.89 14.84 -28.45
CA GLN B 43 -19.29 15.64 -27.27
C GLN B 43 -19.78 14.72 -26.15
N PRO B 44 -19.36 14.92 -24.89
CA PRO B 44 -19.89 14.13 -23.81
C PRO B 44 -21.22 14.68 -23.29
N THR B 45 -22.09 13.83 -22.78
CA THR B 45 -23.36 14.26 -22.14
C THR B 45 -23.02 14.63 -20.70
N GLN B 46 -23.71 15.61 -20.13
CA GLN B 46 -23.49 16.03 -18.73
C GLN B 46 -24.86 16.10 -18.06
N PRO B 47 -25.53 14.97 -17.81
CA PRO B 47 -26.78 15.00 -17.09
C PRO B 47 -26.32 15.65 -15.79
N ASP B 48 -26.85 16.80 -15.41
CA ASP B 48 -26.33 17.54 -14.23
C ASP B 48 -27.05 17.14 -12.95
N VAL B 49 -28.22 17.70 -12.66
CA VAL B 49 -28.93 17.48 -11.38
C VAL B 49 -29.72 16.18 -11.44
N ALA B 50 -29.81 15.55 -12.59
CA ALA B 50 -30.60 14.32 -12.78
C ALA B 50 -29.83 13.11 -12.30
N THR B 51 -28.51 13.15 -12.38
CA THR B 51 -27.65 12.00 -12.00
C THR B 51 -26.87 12.35 -10.73
N CYS B 52 -26.59 13.62 -10.49
CA CYS B 52 -25.80 14.07 -9.31
C CYS B 52 -26.74 14.40 -8.15
N ARG B 53 -27.11 13.42 -7.36
CA ARG B 53 -28.07 13.57 -6.25
C ARG B 53 -27.88 12.37 -5.33
N PHE B 54 -28.33 12.44 -4.08
CA PHE B 54 -28.12 11.35 -3.09
C PHE B 54 -29.08 10.21 -3.39
N TYR B 55 -28.62 8.95 -3.35
CA TYR B 55 -29.44 7.75 -3.58
C TYR B 55 -29.22 6.82 -2.40
N THR B 56 -30.21 6.60 -1.55
CA THR B 56 -30.06 5.76 -0.33
C THR B 56 -30.21 4.30 -0.68
N LEU B 57 -29.17 3.50 -0.47
CA LEU B 57 -29.22 2.04 -0.71
C LEU B 57 -30.01 1.42 0.44
N ASP B 58 -30.29 0.12 0.39
CA ASP B 58 -31.08 -0.58 1.44
C ASP B 58 -30.32 -0.52 2.76
N SER B 59 -31.00 -0.69 3.89
CA SER B 59 -30.41 -0.61 5.24
C SER B 59 -30.03 -2.01 5.73
N ILE B 60 -29.06 -2.11 6.64
CA ILE B 60 -28.61 -3.41 7.22
C ILE B 60 -28.85 -3.38 8.72
N LYS B 61 -28.79 -4.51 9.42
CA LYS B 61 -28.87 -4.61 10.87
C LYS B 61 -27.48 -4.86 11.44
N TRP B 62 -27.18 -4.21 12.56
CA TRP B 62 -25.94 -4.44 13.29
C TRP B 62 -26.26 -5.19 14.58
N GLU B 63 -25.84 -6.45 14.65
CA GLU B 63 -26.04 -7.27 15.83
C GLU B 63 -24.72 -7.41 16.58
N LYS B 64 -24.80 -8.07 17.74
CA LYS B 64 -23.60 -8.28 18.55
C LYS B 64 -22.60 -9.18 17.83
N GLY B 65 -23.06 -10.02 16.92
CA GLY B 65 -22.21 -10.94 16.20
C GLY B 65 -21.85 -10.54 14.78
N SER B 66 -22.13 -9.30 14.38
CA SER B 66 -21.81 -8.88 13.01
C SER B 66 -20.29 -8.83 12.82
N VAL B 67 -19.86 -9.04 11.58
CA VAL B 67 -18.44 -9.12 11.27
C VAL B 67 -18.05 -8.03 10.28
N GLY B 68 -18.99 -7.62 9.43
CA GLY B 68 -18.72 -6.57 8.47
C GLY B 68 -19.46 -6.80 7.18
N TRP B 69 -19.42 -5.79 6.32
CA TRP B 69 -20.09 -5.83 5.02
C TRP B 69 -19.25 -5.05 4.02
N TRP B 70 -19.53 -5.29 2.73
CA TRP B 70 -18.88 -4.53 1.67
C TRP B 70 -19.85 -4.33 0.51
N TRP B 71 -19.63 -3.24 -0.23
CA TRP B 71 -20.37 -2.94 -1.45
C TRP B 71 -19.39 -2.58 -2.54
N LYS B 72 -19.73 -2.92 -3.79
CA LYS B 72 -18.90 -2.61 -4.95
C LYS B 72 -19.62 -1.62 -5.83
N PHE B 73 -18.93 -0.57 -6.24
CA PHE B 73 -19.50 0.48 -7.04
C PHE B 73 -18.85 0.53 -8.42
N PRO B 74 -19.56 1.02 -9.44
CA PRO B 74 -20.94 1.54 -9.40
C PRO B 74 -22.01 0.46 -9.60
N GLU B 75 -21.60 -0.80 -9.55
CA GLU B 75 -22.59 -1.88 -9.69
C GLU B 75 -23.70 -1.75 -8.66
N ALA B 76 -23.40 -1.18 -7.50
CA ALA B 76 -24.44 -0.96 -6.50
C ALA B 76 -25.51 -0.01 -7.01
N LEU B 77 -25.11 1.04 -7.72
CA LEU B 77 -26.04 2.02 -8.27
C LEU B 77 -26.45 1.70 -9.70
N SER B 78 -26.07 0.53 -10.21
CA SER B 78 -26.32 0.19 -11.60
C SER B 78 -27.80 0.31 -11.97
N ASP B 79 -28.71 0.11 -11.03
CA ASP B 79 -30.15 0.11 -11.31
C ASP B 79 -30.87 1.11 -10.42
N MET B 80 -30.33 2.32 -10.35
CA MET B 80 -30.87 3.38 -9.50
C MET B 80 -31.14 4.61 -10.37
N GLY B 81 -32.39 5.09 -10.35
CA GLY B 81 -32.76 6.33 -11.00
C GLY B 81 -32.27 6.42 -12.43
N LEU B 82 -32.10 7.67 -12.89
CA LEU B 82 -31.56 7.91 -14.22
C LEU B 82 -30.09 7.56 -14.34
N PHE B 83 -29.38 7.47 -13.22
CA PHE B 83 -27.97 7.08 -13.27
C PHE B 83 -27.82 5.70 -13.89
N GLY B 84 -28.67 4.75 -13.48
CA GLY B 84 -28.60 3.42 -14.06
C GLY B 84 -28.92 3.40 -15.54
N GLN B 85 -29.94 4.16 -15.94
CA GLN B 85 -30.31 4.21 -17.36
C GLN B 85 -29.17 4.77 -18.19
N ASN B 86 -28.58 5.87 -17.72
CA ASN B 86 -27.48 6.48 -18.46
C ASN B 86 -26.26 5.56 -18.52
N MET B 87 -26.00 4.83 -17.44
CA MET B 87 -24.98 3.79 -17.49
C MET B 87 -25.30 2.76 -18.57
N GLN B 88 -26.55 2.30 -18.62
CA GLN B 88 -26.92 1.25 -19.56
C GLN B 88 -26.77 1.71 -21.00
N TYR B 89 -27.12 2.96 -21.29
CA TYR B 89 -27.19 3.42 -22.66
C TYR B 89 -25.86 3.95 -23.20
N HIS B 90 -24.81 3.99 -22.39
CA HIS B 90 -23.53 4.56 -22.79
C HIS B 90 -22.41 3.54 -22.69
N TYR B 91 -21.36 3.76 -23.48
CA TYR B 91 -20.21 2.86 -23.48
C TYR B 91 -19.15 3.28 -22.47
N LEU B 92 -18.91 4.57 -22.34
CA LEU B 92 -17.89 5.10 -21.44
C LEU B 92 -18.54 5.99 -20.39
N GLY B 93 -17.95 6.00 -19.20
CA GLY B 93 -18.48 6.81 -18.12
C GLY B 93 -17.37 7.30 -17.19
N ARG B 94 -17.72 8.30 -16.39
CA ARG B 94 -16.76 8.93 -15.50
C ARG B 94 -17.48 9.80 -14.46
N ALA B 95 -17.20 9.59 -13.18
CA ALA B 95 -17.86 10.37 -12.14
C ALA B 95 -17.20 10.12 -10.81
N GLY B 96 -17.12 11.18 -9.99
CA GLY B 96 -16.75 11.03 -8.60
C GLY B 96 -17.96 10.78 -7.72
N TYR B 97 -17.71 10.44 -6.46
CA TYR B 97 -18.77 10.03 -5.56
C TYR B 97 -18.59 10.70 -4.20
N THR B 98 -19.71 10.85 -3.50
CA THR B 98 -19.74 11.29 -2.11
C THR B 98 -20.48 10.23 -1.31
N ILE B 99 -19.82 9.67 -0.31
CA ILE B 99 -20.35 8.54 0.45
C ILE B 99 -20.67 9.04 1.86
N HIS B 100 -21.89 8.76 2.30
CA HIS B 100 -22.35 9.12 3.65
C HIS B 100 -22.93 7.88 4.30
N VAL B 101 -22.47 7.57 5.50
CA VAL B 101 -22.92 6.41 6.26
C VAL B 101 -23.54 6.90 7.56
N GLN B 102 -24.75 6.42 7.85
CA GLN B 102 -25.49 6.84 9.04
C GLN B 102 -25.54 5.69 10.03
N CYS B 103 -25.28 6.00 11.30
CA CYS B 103 -25.42 5.02 12.37
C CYS B 103 -25.52 5.78 13.68
N ASN B 104 -26.65 5.66 14.36
CA ASN B 104 -26.91 6.40 15.59
C ASN B 104 -27.32 5.43 16.70
N ALA B 105 -26.90 5.75 17.92
CA ALA B 105 -27.24 4.94 19.08
C ALA B 105 -27.21 5.83 20.31
N SER B 106 -27.84 5.36 21.38
CA SER B 106 -27.91 6.14 22.61
C SER B 106 -26.52 6.28 23.22
N LYS B 107 -26.44 7.07 24.29
CA LYS B 107 -25.18 7.29 24.98
C LYS B 107 -24.72 6.08 25.78
N PHE B 108 -25.57 5.07 25.94
CA PHE B 108 -25.24 3.88 26.71
C PHE B 108 -24.77 2.73 25.84
N HIS B 109 -24.67 2.93 24.53
CA HIS B 109 -24.11 1.92 23.64
C HIS B 109 -22.63 2.17 23.42
N GLN B 110 -21.93 1.11 23.01
CA GLN B 110 -20.50 1.21 22.71
C GLN B 110 -20.19 0.40 21.47
N GLY B 111 -19.23 0.86 20.67
CA GLY B 111 -18.84 0.17 19.43
C GLY B 111 -18.03 1.10 18.57
N CYS B 112 -17.26 0.57 17.63
CA CYS B 112 -16.45 1.38 16.69
C CYS B 112 -16.52 0.72 15.32
N LEU B 113 -16.79 1.48 14.27
CA LEU B 113 -16.86 0.97 12.90
C LEU B 113 -15.76 1.64 12.08
N LEU B 114 -15.20 0.97 11.10
CA LEU B 114 -14.23 1.51 10.17
C LEU B 114 -14.88 1.63 8.79
N VAL B 115 -14.90 2.83 8.24
CA VAL B 115 -15.45 3.09 6.92
C VAL B 115 -14.29 3.47 6.01
N VAL B 116 -14.10 2.71 4.94
CA VAL B 116 -12.95 2.88 4.07
C VAL B 116 -13.36 2.56 2.64
N CYS B 117 -12.80 3.30 1.69
CA CYS B 117 -13.00 3.06 0.26
C CYS B 117 -11.70 2.50 -0.32
N VAL B 118 -11.77 1.30 -0.86
CA VAL B 118 -10.59 0.59 -1.37
C VAL B 118 -10.66 0.59 -2.89
N PRO B 119 -9.84 1.38 -3.58
CA PRO B 119 -9.84 1.32 -5.05
C PRO B 119 -9.14 0.07 -5.55
N GLU B 120 -9.75 -0.57 -6.55
CA GLU B 120 -9.21 -1.79 -7.16
C GLU B 120 -9.07 -2.89 -6.11
N ALA B 121 -10.19 -3.22 -5.47
CA ALA B 121 -10.20 -4.21 -4.40
C ALA B 121 -10.39 -5.60 -5.00
N GLU B 122 -9.34 -6.06 -5.69
CA GLU B 122 -9.34 -7.39 -6.26
C GLU B 122 -9.41 -8.44 -5.15
N MET B 123 -10.26 -9.45 -5.34
CA MET B 123 -10.49 -10.47 -4.35
C MET B 123 -10.17 -11.84 -4.90
N GLY B 124 -9.76 -12.74 -4.01
CA GLY B 124 -9.43 -14.10 -4.39
C GLY B 124 -10.52 -15.08 -4.01
N GLY B 125 -10.58 -16.24 -4.65
CA GLY B 125 -11.62 -17.24 -4.40
C GLY B 125 -11.34 -18.05 -3.14
N ALA B 126 -12.36 -18.65 -2.56
CA ALA B 126 -12.22 -19.49 -1.35
C ALA B 126 -11.28 -20.65 -1.68
N VAL B 127 -11.66 -21.51 -2.63
CA VAL B 127 -10.81 -22.66 -3.06
C VAL B 127 -9.77 -22.12 -4.04
N VAL B 128 -8.51 -22.03 -3.63
CA VAL B 128 -7.42 -21.46 -4.49
C VAL B 128 -7.40 -22.30 -5.77
N GLY B 129 -7.28 -21.64 -6.92
CA GLY B 129 -7.30 -22.33 -8.23
C GLY B 129 -8.70 -22.82 -8.57
N GLN B 130 -9.71 -21.96 -8.44
CA GLN B 130 -11.11 -22.29 -8.78
C GLN B 130 -11.81 -20.95 -8.99
N ALA B 131 -12.44 -20.73 -10.13
CA ALA B 131 -13.03 -19.43 -10.49
C ALA B 131 -14.39 -19.22 -9.86
N PHE B 132 -14.82 -17.97 -9.72
CA PHE B 132 -16.16 -17.61 -9.16
C PHE B 132 -16.85 -16.77 -10.21
N SER B 133 -18.19 -16.70 -10.20
CA SER B 133 -19.00 -15.93 -11.19
C SER B 133 -19.06 -14.48 -10.75
N ALA B 134 -19.76 -13.59 -11.49
CA ALA B 134 -19.93 -12.23 -11.00
C ALA B 134 -21.21 -12.14 -10.16
N THR B 135 -21.37 -13.05 -9.21
CA THR B 135 -22.51 -13.03 -8.31
C THR B 135 -22.10 -13.21 -6.85
N ALA B 136 -20.92 -13.73 -6.58
CA ALA B 136 -20.43 -13.88 -5.21
C ALA B 136 -19.82 -12.60 -4.67
N MET B 137 -19.69 -11.56 -5.49
CA MET B 137 -19.08 -10.32 -5.06
C MET B 137 -19.87 -9.07 -5.44
N ALA B 138 -20.91 -9.19 -6.27
CA ALA B 138 -21.75 -8.04 -6.60
C ALA B 138 -23.04 -8.55 -7.21
N ASN B 139 -24.17 -8.22 -6.60
CA ASN B 139 -25.48 -8.59 -7.12
C ASN B 139 -26.47 -7.43 -6.98
N GLY B 140 -26.00 -6.22 -7.31
CA GLY B 140 -26.85 -5.05 -7.21
C GLY B 140 -26.61 -4.27 -5.93
N ASP B 141 -27.69 -3.88 -5.26
CA ASP B 141 -27.59 -3.06 -4.06
C ASP B 141 -27.40 -3.88 -2.78
N LYS B 142 -27.57 -5.19 -2.84
CA LYS B 142 -27.49 -5.99 -1.62
C LYS B 142 -26.06 -6.00 -1.07
N ALA B 143 -25.95 -6.07 0.24
CA ALA B 143 -24.66 -6.08 0.92
C ALA B 143 -24.17 -7.52 1.10
N TYR B 144 -22.85 -7.69 1.01
CA TYR B 144 -22.22 -8.98 1.19
C TYR B 144 -21.50 -9.02 2.53
N GLU B 145 -21.66 -10.12 3.26
CA GLU B 145 -21.19 -10.25 4.62
C GLU B 145 -19.84 -10.97 4.67
N PHE B 146 -18.94 -10.44 5.50
CA PHE B 146 -17.71 -11.15 5.81
C PHE B 146 -18.01 -12.31 6.76
N THR B 147 -17.01 -13.18 6.94
CA THR B 147 -17.14 -14.34 7.79
C THR B 147 -15.98 -14.39 8.77
N SER B 148 -16.26 -14.83 10.00
CA SER B 148 -15.21 -14.97 11.01
C SER B 148 -14.31 -16.15 10.69
N ALA B 149 -14.89 -17.28 10.32
CA ALA B 149 -14.12 -18.47 9.98
C ALA B 149 -13.73 -18.47 8.51
N THR B 150 -12.78 -19.34 8.18
CA THR B 150 -12.32 -19.43 6.80
C THR B 150 -13.42 -19.99 5.90
N GLN B 151 -13.61 -19.36 4.75
CA GLN B 151 -14.63 -19.82 3.82
C GLN B 151 -14.24 -21.16 3.22
N SER B 152 -15.25 -22.00 3.02
CA SER B 152 -15.05 -23.36 2.51
C SER B 152 -15.74 -23.62 1.18
N ASP B 153 -16.85 -22.95 0.89
CA ASP B 153 -17.56 -23.16 -0.36
C ASP B 153 -16.74 -22.61 -1.52
N GLN B 154 -16.61 -23.40 -2.58
CA GLN B 154 -15.79 -23.03 -3.73
C GLN B 154 -16.46 -22.02 -4.64
N THR B 155 -17.76 -21.76 -4.48
CA THR B 155 -18.48 -20.90 -5.40
C THR B 155 -18.52 -19.44 -4.95
N LYS B 156 -17.85 -19.09 -3.87
CA LYS B 156 -17.86 -17.71 -3.38
C LYS B 156 -16.48 -17.31 -2.90
N VAL B 157 -16.32 -16.01 -2.65
CA VAL B 157 -15.02 -15.44 -2.33
C VAL B 157 -14.62 -15.82 -0.90
N GLN B 158 -13.31 -15.80 -0.66
CA GLN B 158 -12.78 -16.02 0.68
C GLN B 158 -13.16 -14.84 1.56
N THR B 159 -13.97 -15.10 2.59
CA THR B 159 -14.54 -14.04 3.42
C THR B 159 -13.84 -13.91 4.78
N ALA B 160 -12.62 -14.41 4.92
CA ALA B 160 -11.88 -14.24 6.15
C ALA B 160 -11.73 -12.77 6.48
N ILE B 161 -12.35 -12.35 7.59
CA ILE B 161 -12.39 -10.93 7.93
C ILE B 161 -10.99 -10.40 8.20
N HIS B 162 -10.19 -11.13 8.96
CA HIS B 162 -8.87 -10.63 9.34
C HIS B 162 -7.95 -10.44 8.14
N ASN B 163 -8.26 -11.06 7.00
CA ASN B 163 -7.51 -10.84 5.77
C ASN B 163 -8.23 -9.93 4.78
N ALA B 164 -9.53 -9.68 5.00
CA ALA B 164 -10.31 -8.77 4.17
C ALA B 164 -10.44 -9.25 2.73
N GLY B 165 -10.25 -10.55 2.49
CA GLY B 165 -10.39 -11.10 1.16
C GLY B 165 -9.40 -10.58 0.15
N MET B 166 -8.31 -9.96 0.59
CA MET B 166 -7.29 -9.44 -0.30
C MET B 166 -5.89 -9.91 0.06
N GLY B 167 -5.76 -10.80 1.04
CA GLY B 167 -4.45 -11.29 1.43
C GLY B 167 -3.59 -10.29 2.16
N VAL B 168 -4.19 -9.28 2.78
CA VAL B 168 -3.45 -8.24 3.49
C VAL B 168 -4.02 -8.11 4.90
N GLY B 169 -3.20 -7.56 5.79
CA GLY B 169 -3.63 -7.32 7.15
C GLY B 169 -4.78 -6.35 7.23
N VAL B 170 -5.85 -6.75 7.92
CA VAL B 170 -7.04 -5.89 8.02
C VAL B 170 -6.71 -4.59 8.71
N GLY B 171 -5.73 -4.61 9.63
CA GLY B 171 -5.40 -3.41 10.38
C GLY B 171 -4.64 -2.37 9.58
N ASN B 172 -4.18 -2.71 8.38
CA ASN B 172 -3.42 -1.79 7.54
C ASN B 172 -4.29 -1.05 6.53
N LEU B 173 -5.60 -1.24 6.57
CA LEU B 173 -6.48 -0.55 5.63
C LEU B 173 -6.53 0.96 5.87
N THR B 174 -5.93 1.44 6.96
CA THR B 174 -5.94 2.86 7.27
C THR B 174 -5.28 3.69 6.17
N ILE B 175 -4.44 3.08 5.33
CA ILE B 175 -3.75 3.84 4.29
C ILE B 175 -4.75 4.46 3.32
N TYR B 176 -5.83 3.75 2.99
CA TYR B 176 -6.84 4.27 2.09
C TYR B 176 -7.66 5.37 2.77
N PRO B 177 -8.34 6.20 2.00
CA PRO B 177 -9.25 7.18 2.61
C PRO B 177 -10.28 6.48 3.47
N HIS B 178 -10.55 7.04 4.65
CA HIS B 178 -11.34 6.33 5.65
C HIS B 178 -11.81 7.30 6.72
N GLN B 179 -12.72 6.81 7.56
CA GLN B 179 -13.13 7.49 8.78
C GLN B 179 -13.65 6.46 9.75
N TRP B 180 -13.74 6.84 11.01
CA TRP B 180 -14.24 5.98 12.07
C TRP B 180 -15.56 6.51 12.59
N ILE B 181 -16.48 5.62 12.87
CA ILE B 181 -17.76 5.95 13.51
C ILE B 181 -17.70 5.38 14.92
N ASN B 182 -17.39 6.24 15.89
CA ASN B 182 -17.33 5.87 17.29
C ASN B 182 -18.61 6.37 17.96
N LEU B 183 -19.38 5.45 18.55
CA LEU B 183 -20.67 5.82 19.10
C LEU B 183 -20.54 6.85 20.23
N ARG B 184 -19.36 6.98 20.83
CA ARG B 184 -19.17 7.97 21.88
C ARG B 184 -19.37 9.39 21.36
N THR B 185 -18.83 9.68 20.17
CA THR B 185 -18.75 11.04 19.68
C THR B 185 -19.17 11.22 18.23
N ASN B 186 -19.61 10.17 17.55
CA ASN B 186 -19.89 10.25 16.12
C ASN B 186 -21.13 9.44 15.79
N ASN B 187 -21.84 9.88 14.74
CA ASN B 187 -22.96 9.13 14.20
C ASN B 187 -22.90 8.93 12.69
N SER B 188 -22.04 9.65 11.98
CA SER B 188 -21.99 9.53 10.53
C SER B 188 -20.56 9.78 10.05
N ALA B 189 -20.25 9.23 8.88
CA ALA B 189 -18.97 9.41 8.22
C ALA B 189 -19.19 9.87 6.79
N THR B 190 -18.40 10.84 6.35
CA THR B 190 -18.51 11.41 5.01
C THR B 190 -17.16 11.32 4.32
N ILE B 191 -17.15 10.74 3.12
CA ILE B 191 -15.94 10.62 2.31
C ILE B 191 -16.25 11.10 0.91
N VAL B 192 -15.38 11.93 0.36
CA VAL B 192 -15.49 12.42 -1.01
C VAL B 192 -14.38 11.76 -1.82
N MET B 193 -14.77 10.93 -2.79
CA MET B 193 -13.82 10.15 -3.57
C MET B 193 -13.77 10.68 -4.99
N PRO B 194 -12.62 11.20 -5.45
CA PRO B 194 -12.52 11.59 -6.86
C PRO B 194 -12.39 10.36 -7.76
N TYR B 195 -12.42 10.62 -9.06
CA TYR B 195 -12.29 9.54 -10.03
C TYR B 195 -10.85 9.09 -10.11
N ILE B 196 -10.59 7.83 -9.80
CA ILE B 196 -9.25 7.26 -9.79
C ILE B 196 -9.25 6.08 -10.76
N ASN B 197 -8.38 6.14 -11.76
CA ASN B 197 -8.24 5.07 -12.74
C ASN B 197 -7.01 5.36 -13.58
N SER B 198 -6.57 4.36 -14.32
CA SER B 198 -5.40 4.47 -15.19
C SER B 198 -5.75 5.02 -16.57
N VAL B 199 -7.02 5.27 -16.85
CA VAL B 199 -7.44 5.80 -18.15
C VAL B 199 -8.45 6.92 -17.92
N PRO B 200 -8.59 7.85 -18.86
CA PRO B 200 -9.52 8.97 -18.62
C PRO B 200 -10.95 8.52 -18.36
N MET B 201 -11.41 7.47 -19.03
CA MET B 201 -12.77 6.99 -18.88
C MET B 201 -12.77 5.48 -19.02
N ASP B 202 -13.85 4.85 -18.55
CA ASP B 202 -13.94 3.39 -18.60
C ASP B 202 -15.41 2.99 -18.53
N ASN B 203 -15.68 1.77 -19.00
CA ASN B 203 -17.02 1.22 -18.91
C ASN B 203 -17.34 0.84 -17.48
N MET B 204 -18.49 1.29 -16.99
CA MET B 204 -18.86 1.05 -15.59
C MET B 204 -19.46 -0.32 -15.34
N PHE B 205 -19.85 -1.07 -16.37
CA PHE B 205 -20.38 -2.40 -16.16
C PHE B 205 -19.30 -3.47 -16.11
N ARG B 206 -18.13 -3.19 -16.68
CA ARG B 206 -17.06 -4.18 -16.73
C ARG B 206 -16.05 -4.01 -15.60
N HIS B 207 -15.93 -2.80 -15.05
CA HIS B 207 -14.87 -2.46 -14.11
C HIS B 207 -15.47 -1.91 -12.84
N TYR B 208 -15.01 -2.42 -11.69
CA TYR B 208 -15.40 -1.90 -10.39
C TYR B 208 -14.37 -0.86 -9.96
N ASN B 209 -14.78 0.41 -9.93
CA ASN B 209 -13.84 1.48 -9.62
C ASN B 209 -13.27 1.32 -8.21
N PHE B 210 -14.13 1.09 -7.23
CA PHE B 210 -13.69 0.98 -5.84
C PHE B 210 -14.72 0.21 -5.05
N THR B 211 -14.32 -0.22 -3.87
CA THR B 211 -15.16 -1.02 -2.97
C THR B 211 -15.29 -0.30 -1.64
N LEU B 212 -16.50 -0.31 -1.09
CA LEU B 212 -16.77 0.28 0.21
C LEU B 212 -16.88 -0.83 1.25
N MET B 213 -16.17 -0.67 2.37
CA MET B 213 -16.13 -1.69 3.41
C MET B 213 -16.48 -1.06 4.75
N VAL B 214 -17.28 -1.78 5.54
CA VAL B 214 -17.61 -1.39 6.91
C VAL B 214 -17.28 -2.57 7.80
N ILE B 215 -16.36 -2.37 8.74
CA ILE B 215 -15.89 -3.44 9.62
C ILE B 215 -16.05 -2.97 11.06
N PRO B 216 -16.76 -3.70 11.93
CA PRO B 216 -16.77 -3.36 13.36
C PRO B 216 -15.50 -3.85 14.04
N PHE B 217 -14.62 -2.91 14.38
CA PHE B 217 -13.41 -3.26 15.12
C PHE B 217 -13.73 -3.57 16.58
N VAL B 218 -14.67 -2.83 17.16
CA VAL B 218 -15.15 -3.08 18.52
C VAL B 218 -16.61 -3.49 18.41
N LYS B 219 -16.89 -4.72 18.82
CA LYS B 219 -18.24 -5.30 18.70
C LYS B 219 -19.26 -4.44 19.44
N LEU B 220 -20.48 -4.34 18.93
CA LEU B 220 -21.54 -3.62 19.62
C LEU B 220 -21.87 -4.31 20.95
N ASP B 221 -22.19 -3.49 21.96
CA ASP B 221 -22.55 -4.01 23.26
C ASP B 221 -23.51 -3.06 23.94
N TYR B 222 -24.39 -3.61 24.76
CA TYR B 222 -25.38 -2.85 25.50
C TYR B 222 -25.96 -3.76 26.57
N ALA B 223 -26.72 -3.16 27.49
CA ALA B 223 -27.29 -3.92 28.60
C ALA B 223 -28.62 -3.29 29.01
N ASP B 224 -29.62 -4.14 29.20
CA ASP B 224 -30.91 -3.73 29.76
C ASP B 224 -31.54 -2.58 28.95
N THR B 225 -31.86 -2.88 27.70
CA THR B 225 -32.54 -1.93 26.85
C THR B 225 -33.44 -2.71 25.89
N ALA B 226 -34.48 -2.03 25.40
CA ALA B 226 -35.44 -2.64 24.50
C ALA B 226 -34.98 -2.66 23.05
N SER B 227 -33.93 -1.91 22.70
CA SER B 227 -33.41 -1.88 21.35
C SER B 227 -32.50 -3.09 21.15
N THR B 228 -32.78 -3.89 20.13
CA THR B 228 -32.05 -5.13 19.91
C THR B 228 -30.98 -5.02 18.83
N TYR B 229 -31.07 -4.02 17.95
CA TYR B 229 -30.09 -3.86 16.88
C TYR B 229 -29.98 -2.40 16.50
N VAL B 230 -28.88 -2.06 15.85
CA VAL B 230 -28.61 -0.69 15.42
C VAL B 230 -28.53 -0.66 13.91
N PRO B 231 -29.55 -0.16 13.20
CA PRO B 231 -29.49 -0.15 11.74
C PRO B 231 -28.37 0.75 11.22
N ILE B 232 -27.83 0.37 10.06
CA ILE B 232 -26.84 1.16 9.34
C ILE B 232 -27.39 1.45 7.95
N THR B 233 -27.26 2.70 7.51
CA THR B 233 -27.72 3.12 6.20
C THR B 233 -26.59 3.80 5.45
N VAL B 234 -26.56 3.60 4.14
CA VAL B 234 -25.51 4.13 3.27
C VAL B 234 -26.17 4.97 2.19
N THR B 235 -25.64 6.17 1.97
CA THR B 235 -26.11 7.07 0.93
C THR B 235 -24.94 7.51 0.06
N VAL B 236 -25.17 7.53 -1.25
CA VAL B 236 -24.11 7.84 -2.22
C VAL B 236 -24.66 8.85 -3.22
N ALA B 237 -23.78 9.72 -3.73
CA ALA B 237 -24.18 10.74 -4.68
C ALA B 237 -23.09 10.95 -5.73
N PRO B 238 -23.31 10.55 -6.99
CA PRO B 238 -22.31 10.84 -8.02
C PRO B 238 -22.11 12.33 -8.20
N MET B 239 -20.89 12.70 -8.58
CA MET B 239 -20.53 14.10 -8.78
C MET B 239 -19.80 14.27 -10.10
N CYS B 240 -20.15 15.33 -10.82
CA CYS B 240 -19.49 15.68 -12.07
C CYS B 240 -19.49 14.50 -13.04
N ALA B 241 -20.64 13.85 -13.17
CA ALA B 241 -20.75 12.70 -14.05
C ALA B 241 -20.92 13.14 -15.49
N GLU B 242 -20.22 12.46 -16.39
CA GLU B 242 -20.34 12.69 -17.82
C GLU B 242 -20.09 11.37 -18.53
N TYR B 243 -20.91 11.11 -19.56
CA TYR B 243 -20.87 9.85 -20.26
C TYR B 243 -20.63 10.08 -21.74
N ASN B 244 -20.18 9.07 -22.47
CA ASN B 244 -19.89 9.17 -23.91
C ASN B 244 -20.18 7.82 -24.55
N GLY B 245 -20.42 7.76 -25.85
CA GLY B 245 -20.59 6.54 -26.62
C GLY B 245 -21.97 5.94 -26.54
N LEU B 246 -22.97 6.65 -27.07
CA LEU B 246 -24.35 6.16 -27.05
C LEU B 246 -24.46 4.91 -27.91
N ARG B 247 -24.95 3.82 -27.34
CA ARG B 247 -25.23 2.57 -28.09
C ARG B 247 -26.61 2.11 -27.67
N LEU B 248 -27.08 0.95 -28.15
CA LEU B 248 -28.35 0.35 -27.70
C LEU B 248 -28.18 -0.06 -26.24
N ALA B 249 -29.22 0.08 -25.42
CA ALA B 249 -29.14 -0.19 -23.96
C ALA B 249 -28.72 -1.62 -23.65
N GLN B 250 -28.41 -1.91 -22.39
CA GLN B 250 -27.98 -3.24 -21.87
C GLN B 250 -26.46 -3.20 -21.75
N GLY C 1 43.81 3.90 -32.53
CA GLY C 1 42.91 4.93 -31.96
C GLY C 1 43.43 5.51 -30.67
N LEU C 2 42.53 6.02 -29.84
CA LEU C 2 42.91 6.62 -28.57
C LEU C 2 43.43 5.54 -27.62
N PRO C 3 44.66 5.63 -27.11
CA PRO C 3 45.12 4.62 -26.16
C PRO C 3 44.27 4.60 -24.90
N THR C 4 44.02 3.39 -24.40
CA THR C 4 43.21 3.21 -23.20
C THR C 4 43.64 1.93 -22.51
N MET C 5 43.27 1.83 -21.23
CA MET C 5 43.60 0.68 -20.37
C MET C 5 42.35 0.35 -19.55
N ASN C 6 41.93 -0.91 -19.48
CA ASN C 6 40.78 -1.30 -18.67
C ASN C 6 41.19 -1.48 -17.22
N THR C 7 40.38 -0.93 -16.32
CA THR C 7 40.61 -1.03 -14.89
C THR C 7 39.80 -2.17 -14.30
N PRO C 8 40.11 -2.58 -13.07
CA PRO C 8 39.34 -3.66 -12.45
C PRO C 8 37.87 -3.30 -12.35
N GLY C 9 37.02 -4.31 -12.52
CA GLY C 9 35.58 -4.14 -12.51
C GLY C 9 34.93 -4.09 -13.88
N SER C 10 35.71 -4.09 -14.95
CA SER C 10 35.14 -4.09 -16.28
C SER C 10 34.42 -5.39 -16.57
N THR C 11 33.33 -5.30 -17.32
CA THR C 11 32.52 -6.44 -17.74
C THR C 11 31.75 -7.08 -16.59
N GLN C 12 31.72 -6.44 -15.43
CA GLN C 12 30.95 -6.94 -14.31
C GLN C 12 29.53 -6.39 -14.35
N PHE C 13 28.61 -7.14 -13.73
CA PHE C 13 27.20 -6.76 -13.66
C PHE C 13 26.88 -6.46 -12.20
N LEU C 14 26.74 -5.18 -11.88
CA LEU C 14 26.37 -4.73 -10.55
C LEU C 14 24.90 -4.33 -10.57
N THR C 15 24.10 -4.94 -9.69
CA THR C 15 22.66 -4.78 -9.74
C THR C 15 22.20 -3.37 -9.35
N SER C 16 23.09 -2.54 -8.79
CA SER C 16 22.74 -1.20 -8.37
C SER C 16 23.55 -0.13 -9.11
N ASP C 17 23.90 -0.41 -10.36
CA ASP C 17 24.67 0.53 -11.17
C ASP C 17 23.76 1.49 -11.92
N ASP C 18 24.35 2.57 -12.44
CA ASP C 18 23.63 3.58 -13.20
C ASP C 18 24.43 3.88 -14.47
N PHE C 19 24.05 3.24 -15.57
CA PHE C 19 24.72 3.42 -16.84
C PHE C 19 23.70 3.58 -17.95
N GLN C 20 24.10 4.26 -19.02
CA GLN C 20 23.27 4.39 -20.20
C GLN C 20 23.38 3.15 -21.07
N SER C 21 22.27 2.80 -21.72
CA SER C 21 22.23 1.64 -22.60
C SER C 21 21.39 1.97 -23.82
N PRO C 22 21.60 1.27 -24.93
CA PRO C 22 20.84 1.56 -26.14
C PRO C 22 19.37 1.23 -25.99
N CYS C 23 18.53 1.96 -26.74
CA CYS C 23 17.10 1.72 -26.77
C CYS C 23 16.76 0.83 -27.95
N ALA C 24 15.97 -0.22 -27.71
CA ALA C 24 15.64 -1.16 -28.76
C ALA C 24 14.36 -0.81 -29.51
N LEU C 25 13.69 0.28 -29.15
CA LEU C 25 12.50 0.77 -29.84
C LEU C 25 12.73 2.25 -30.15
N PRO C 26 13.61 2.56 -31.09
CA PRO C 26 13.95 3.96 -31.34
C PRO C 26 12.75 4.77 -31.80
N GLN C 27 12.70 6.02 -31.36
CA GLN C 27 11.64 6.95 -31.75
C GLN C 27 10.27 6.42 -31.38
N PHE C 28 10.19 5.71 -30.26
CA PHE C 28 8.91 5.24 -29.75
C PHE C 28 8.17 6.38 -29.06
N ASP C 29 6.88 6.52 -29.39
CA ASP C 29 6.06 7.60 -28.86
C ASP C 29 5.29 7.07 -27.65
N VAL C 30 5.60 7.60 -26.46
CA VAL C 30 4.96 7.15 -25.24
C VAL C 30 3.60 7.82 -25.09
N THR C 31 2.72 7.18 -24.33
CA THR C 31 1.41 7.73 -24.09
C THR C 31 1.51 9.01 -23.27
N PRO C 32 0.68 10.02 -23.55
CA PRO C 32 0.75 11.26 -22.76
C PRO C 32 0.47 10.98 -21.29
N SER C 33 1.16 11.74 -20.44
CA SER C 33 1.02 11.58 -19.00
C SER C 33 -0.29 12.19 -18.50
N MET C 34 -0.81 11.62 -17.42
CA MET C 34 -2.03 12.10 -16.78
C MET C 34 -1.79 12.14 -15.28
N ASN C 35 -2.33 13.18 -14.63
CA ASN C 35 -2.10 13.40 -13.20
C ASN C 35 -3.15 12.62 -12.42
N ILE C 36 -2.87 11.34 -12.18
CA ILE C 36 -3.76 10.52 -11.35
C ILE C 36 -3.70 11.02 -9.91
N PRO C 37 -4.81 11.10 -9.19
CA PRO C 37 -4.74 11.54 -7.79
C PRO C 37 -3.98 10.56 -6.92
N GLY C 38 -3.32 11.09 -5.89
CA GLY C 38 -2.68 10.26 -4.90
C GLY C 38 -1.28 9.82 -5.27
N GLU C 39 -0.48 10.73 -5.81
CA GLU C 39 0.91 10.40 -6.13
C GLU C 39 1.74 10.30 -4.87
N VAL C 40 2.65 9.33 -4.84
CA VAL C 40 3.56 9.12 -3.73
C VAL C 40 4.99 9.23 -4.25
N LYS C 41 5.80 10.06 -3.59
CA LYS C 41 7.18 10.29 -3.99
C LYS C 41 8.19 9.82 -2.97
N ASN C 42 7.76 9.25 -1.85
CA ASN C 42 8.67 8.83 -0.80
C ASN C 42 7.94 7.89 0.15
N LEU C 43 8.55 6.74 0.44
CA LEU C 43 7.91 5.76 1.31
C LEU C 43 7.67 6.31 2.72
N MET C 44 8.39 7.36 3.11
CA MET C 44 8.16 7.94 4.43
C MET C 44 6.75 8.49 4.54
N GLU C 45 6.20 9.01 3.45
CA GLU C 45 4.81 9.48 3.46
C GLU C 45 3.87 8.36 3.86
N ILE C 46 4.08 7.17 3.32
CA ILE C 46 3.31 6.00 3.77
C ILE C 46 3.60 5.71 5.22
N ALA C 47 4.87 5.78 5.62
CA ALA C 47 5.25 5.43 6.98
C ALA C 47 4.62 6.34 8.02
N GLU C 48 4.24 7.56 7.65
CA GLU C 48 3.67 8.50 8.62
C GLU C 48 2.18 8.32 8.83
N VAL C 49 1.55 7.34 8.20
CA VAL C 49 0.12 7.11 8.35
C VAL C 49 -0.11 6.14 9.50
N ASP C 50 -1.18 6.38 10.26
CA ASP C 50 -1.48 5.55 11.41
C ASP C 50 -1.97 4.17 10.98
N SER C 51 -1.80 3.19 11.86
CA SER C 51 -2.28 1.85 11.63
C SER C 51 -2.54 1.17 12.96
N VAL C 52 -3.52 0.27 12.98
CA VAL C 52 -3.91 -0.38 14.22
C VAL C 52 -2.85 -1.40 14.62
N VAL C 53 -2.50 -1.40 15.90
CA VAL C 53 -1.44 -2.25 16.44
C VAL C 53 -2.09 -3.42 17.16
N PRO C 54 -1.78 -4.67 16.81
CA PRO C 54 -2.36 -5.83 17.51
C PRO C 54 -1.65 -6.14 18.83
N VAL C 55 -2.04 -5.42 19.89
CA VAL C 55 -1.34 -5.54 21.16
C VAL C 55 -1.76 -6.80 21.91
N ASN C 56 -2.98 -7.29 21.70
CA ASN C 56 -3.53 -8.38 22.51
C ASN C 56 -3.17 -9.74 21.89
N ASN C 57 -1.88 -10.06 21.98
CA ASN C 57 -1.37 -11.35 21.51
C ASN C 57 -1.19 -12.29 22.71
N VAL C 58 -2.30 -12.86 23.14
CA VAL C 58 -2.35 -13.59 24.40
C VAL C 58 -2.22 -15.10 24.20
N GLN C 59 -1.82 -15.54 23.00
CA GLN C 59 -1.51 -16.95 22.76
C GLN C 59 -2.74 -17.84 22.86
N ASP C 60 -3.91 -17.25 23.10
CA ASP C 60 -5.15 -18.01 23.23
C ASP C 60 -6.30 -17.30 22.51
N THR C 61 -5.97 -16.53 21.48
CA THR C 61 -6.98 -15.78 20.74
C THR C 61 -7.61 -16.69 19.71
N THR C 62 -8.74 -17.31 20.06
CA THR C 62 -9.48 -18.09 19.09
C THR C 62 -10.05 -17.24 17.97
N ASP C 63 -10.33 -15.96 18.25
CA ASP C 63 -10.80 -15.02 17.25
C ASP C 63 -9.67 -14.04 16.95
N GLN C 64 -9.30 -13.92 15.68
CA GLN C 64 -8.16 -13.09 15.31
C GLN C 64 -8.43 -11.63 15.61
N MET C 65 -9.65 -11.15 15.36
CA MET C 65 -9.94 -9.73 15.56
C MET C 65 -9.78 -9.31 17.01
N GLU C 66 -9.80 -10.26 17.95
CA GLU C 66 -9.61 -9.92 19.36
C GLU C 66 -8.22 -9.34 19.62
N MET C 67 -7.27 -9.55 18.70
CA MET C 67 -5.90 -9.07 18.92
C MET C 67 -5.83 -7.55 18.98
N PHE C 68 -6.82 -6.86 18.43
CA PHE C 68 -6.75 -5.41 18.29
C PHE C 68 -7.34 -4.66 19.48
N ARG C 69 -7.90 -5.36 20.47
CA ARG C 69 -8.63 -4.73 21.56
C ARG C 69 -7.94 -5.03 22.89
N ILE C 70 -7.77 -4.01 23.70
CA ILE C 70 -7.15 -4.12 25.03
C ILE C 70 -8.27 -4.10 26.06
N PRO C 71 -8.50 -5.19 26.79
CA PRO C 71 -9.64 -5.24 27.71
C PRO C 71 -9.49 -4.26 28.87
N VAL C 72 -10.63 -3.82 29.39
CA VAL C 72 -10.69 -2.94 30.56
C VAL C 72 -11.91 -3.32 31.37
N THR C 73 -11.84 -3.14 32.69
CA THR C 73 -12.92 -3.57 33.60
C THR C 73 -13.27 -2.44 34.56
N ILE C 74 -14.35 -2.62 35.32
CA ILE C 74 -14.89 -1.54 36.20
C ILE C 74 -14.12 -1.51 37.52
N ASN C 75 -14.17 -2.55 38.35
CA ASN C 75 -13.56 -2.52 39.70
C ASN C 75 -12.16 -3.09 39.63
N ALA C 76 -11.20 -2.34 39.09
CA ALA C 76 -9.81 -2.81 38.89
C ALA C 76 -9.00 -2.65 40.17
N PRO C 77 -8.20 -3.64 40.60
CA PRO C 77 -7.33 -3.44 41.75
C PRO C 77 -6.58 -2.14 41.51
N LEU C 78 -6.42 -1.30 42.53
CA LEU C 78 -5.80 0.04 42.37
C LEU C 78 -4.42 -0.07 41.75
N GLN C 79 -4.09 0.79 40.78
CA GLN C 79 -2.73 0.87 40.17
C GLN C 79 -2.36 -0.45 39.50
N GLN C 80 -3.22 -1.02 38.65
CA GLN C 80 -2.96 -2.29 37.93
C GLN C 80 -2.32 -1.98 36.59
N GLN C 81 -1.63 -2.93 35.94
CA GLN C 81 -1.05 -2.74 34.62
C GLN C 81 -2.09 -3.08 33.55
N VAL C 82 -2.19 -2.23 32.54
CA VAL C 82 -3.09 -2.48 31.42
C VAL C 82 -2.39 -3.29 30.33
N PHE C 83 -1.19 -2.89 29.94
CA PHE C 83 -0.42 -3.63 28.95
C PHE C 83 1.04 -3.22 29.04
N GLY C 84 1.88 -4.03 28.43
CA GLY C 84 3.30 -3.72 28.34
C GLY C 84 3.89 -4.35 27.10
N LEU C 85 4.88 -3.68 26.53
CA LEU C 85 5.46 -4.15 25.27
C LEU C 85 6.87 -3.59 25.12
N ARG C 86 7.65 -4.26 24.28
CA ARG C 86 8.99 -3.80 23.95
C ARG C 86 8.94 -2.87 22.75
N LEU C 87 9.81 -1.85 22.75
CA LEU C 87 9.84 -0.87 21.67
C LEU C 87 10.87 -1.31 20.64
N GLN C 88 10.48 -2.30 19.84
CA GLN C 88 11.28 -2.80 18.73
C GLN C 88 10.40 -2.77 17.48
N PRO C 89 10.29 -1.61 16.82
CA PRO C 89 9.30 -1.48 15.74
C PRO C 89 9.48 -2.49 14.63
N GLY C 90 10.72 -2.91 14.35
CA GLY C 90 10.98 -3.82 13.26
C GLY C 90 11.18 -5.27 13.64
N LEU C 91 11.19 -5.59 14.92
CA LEU C 91 11.46 -6.95 15.35
C LEU C 91 10.39 -7.53 16.27
N ASP C 92 9.81 -6.72 17.15
CA ASP C 92 8.79 -7.23 18.06
C ASP C 92 7.56 -7.66 17.26
N SER C 93 6.92 -8.74 17.71
CA SER C 93 5.76 -9.25 17.00
C SER C 93 4.64 -8.24 16.96
N VAL C 94 4.56 -7.36 17.94
CA VAL C 94 3.46 -6.38 17.99
C VAL C 94 3.55 -5.44 16.80
N PHE C 95 4.74 -4.89 16.55
CA PHE C 95 4.93 -3.92 15.47
C PHE C 95 5.43 -4.56 14.18
N LYS C 96 5.60 -5.87 14.15
CA LYS C 96 6.24 -6.51 13.01
C LYS C 96 5.46 -6.27 11.72
N HIS C 97 4.17 -6.53 11.74
CA HIS C 97 3.35 -6.52 10.53
C HIS C 97 2.53 -5.24 10.38
N THR C 98 2.78 -4.23 11.20
CA THR C 98 2.07 -2.98 11.06
C THR C 98 2.53 -2.24 9.80
N LEU C 99 1.76 -1.22 9.42
CA LEU C 99 2.09 -0.43 8.25
C LEU C 99 3.48 0.20 8.35
N LEU C 100 3.96 0.43 9.58
CA LEU C 100 5.29 0.99 9.80
C LEU C 100 6.37 -0.08 9.83
N GLY C 101 6.12 -1.17 10.56
CA GLY C 101 7.10 -2.25 10.62
C GLY C 101 7.37 -2.85 9.26
N GLU C 102 6.33 -2.94 8.42
CA GLU C 102 6.53 -3.47 7.08
C GLU C 102 7.52 -2.61 6.29
N ILE C 103 7.40 -1.28 6.40
CA ILE C 103 8.34 -0.41 5.71
C ILE C 103 9.73 -0.55 6.30
N LEU C 104 9.85 -0.55 7.62
CA LEU C 104 11.18 -0.68 8.22
C LEU C 104 11.85 -1.99 7.86
N ASN C 105 11.07 -3.06 7.64
CA ASN C 105 11.67 -4.35 7.35
C ASN C 105 12.40 -4.38 6.01
N TYR C 106 12.21 -3.37 5.17
CA TYR C 106 12.97 -3.25 3.93
C TYR C 106 14.28 -2.49 4.11
N TYR C 107 14.61 -2.11 5.34
CA TYR C 107 15.81 -1.35 5.63
C TYR C 107 16.53 -1.96 6.81
N ALA C 108 17.75 -1.47 7.07
CA ALA C 108 18.58 -1.98 8.16
C ALA C 108 18.74 -0.99 9.30
N HIS C 109 18.78 0.31 9.02
CA HIS C 109 18.93 1.34 10.04
C HIS C 109 17.69 2.22 10.07
N TRP C 110 17.38 2.74 11.26
CA TRP C 110 16.27 3.66 11.42
C TRP C 110 16.60 4.63 12.55
N SER C 111 15.95 5.79 12.52
CA SER C 111 16.13 6.80 13.54
C SER C 111 14.93 7.73 13.53
N GLY C 112 14.76 8.44 14.64
CA GLY C 112 13.68 9.40 14.79
C GLY C 112 12.72 9.01 15.89
N SER C 113 11.73 9.86 16.09
CA SER C 113 10.74 9.66 17.13
C SER C 113 9.51 8.96 16.56
N MET C 114 8.67 8.45 17.46
CA MET C 114 7.48 7.69 17.10
C MET C 114 6.28 8.24 17.85
N LYS C 115 5.10 7.99 17.29
CA LYS C 115 3.84 8.42 17.88
C LYS C 115 2.99 7.21 18.20
N LEU C 116 2.45 7.16 19.41
CA LEU C 116 1.47 6.16 19.82
C LEU C 116 0.19 6.87 20.21
N THR C 117 -0.90 6.57 19.52
CA THR C 117 -2.20 7.18 19.76
C THR C 117 -3.16 6.14 20.30
N PHE C 118 -3.82 6.45 21.41
CA PHE C 118 -4.77 5.55 22.04
C PHE C 118 -6.15 6.18 21.99
N VAL C 119 -7.15 5.36 21.65
CA VAL C 119 -8.53 5.81 21.53
C VAL C 119 -9.40 4.94 22.42
N PHE C 120 -10.28 5.57 23.19
CA PHE C 120 -11.19 4.87 24.08
C PHE C 120 -12.51 4.61 23.34
N CYS C 121 -12.92 3.35 23.29
CA CYS C 121 -14.10 2.93 22.55
C CYS C 121 -15.16 2.36 23.50
N GLY C 122 -15.30 2.95 24.67
CA GLY C 122 -16.31 2.55 25.62
C GLY C 122 -17.59 3.33 25.45
N SER C 123 -18.43 3.28 26.49
CA SER C 123 -19.66 4.03 26.47
C SER C 123 -19.40 5.52 26.65
N ALA C 124 -20.37 6.33 26.25
CA ALA C 124 -20.24 7.78 26.40
C ALA C 124 -20.30 8.21 27.84
N MET C 125 -20.98 7.44 28.70
CA MET C 125 -21.11 7.77 30.11
C MET C 125 -19.94 7.27 30.95
N ALA C 126 -19.08 6.42 30.39
CA ALA C 126 -17.93 5.92 31.12
C ALA C 126 -16.85 7.00 31.24
N THR C 127 -16.05 6.89 32.28
CA THR C 127 -14.97 7.84 32.52
C THR C 127 -13.82 7.13 33.21
N GLY C 128 -12.64 7.73 33.11
CA GLY C 128 -11.47 7.19 33.75
C GLY C 128 -10.23 7.95 33.35
N LYS C 129 -9.12 7.61 34.02
CA LYS C 129 -7.82 8.20 33.74
C LYS C 129 -6.79 7.07 33.65
N PHE C 130 -5.82 7.27 32.77
CA PHE C 130 -4.76 6.27 32.55
C PHE C 130 -3.41 6.97 32.48
N LEU C 131 -2.38 6.26 32.94
CA LEU C 131 -1.00 6.72 32.89
C LEU C 131 -0.24 5.88 31.88
N ILE C 132 0.35 6.53 30.89
CA ILE C 132 1.13 5.86 29.85
C ILE C 132 2.56 6.40 29.94
N ALA C 133 3.52 5.50 30.12
CA ALA C 133 4.90 5.89 30.38
C ALA C 133 5.84 5.14 29.43
N TYR C 134 6.91 5.83 29.05
CA TYR C 134 7.97 5.26 28.23
C TYR C 134 9.24 5.20 29.08
N SER C 135 9.81 4.01 29.19
CA SER C 135 11.00 3.80 30.00
C SER C 135 12.21 3.58 29.10
N PRO C 136 13.20 4.47 29.11
CA PRO C 136 14.39 4.27 28.28
C PRO C 136 15.08 2.96 28.63
N PRO C 137 16.09 2.56 27.86
CA PRO C 137 16.73 1.27 28.11
C PRO C 137 17.33 1.20 29.50
N GLY C 138 17.26 0.01 30.10
CA GLY C 138 17.81 -0.19 31.43
C GLY C 138 17.95 -1.66 31.71
N ALA C 139 18.47 -1.96 32.91
CA ALA C 139 18.71 -3.33 33.31
C ALA C 139 17.44 -4.09 33.65
N ASN C 140 16.35 -3.37 33.95
CA ASN C 140 15.10 -4.02 34.36
C ASN C 140 13.92 -3.19 33.90
N PRO C 141 12.87 -3.82 33.34
CA PRO C 141 11.66 -3.06 33.02
C PRO C 141 10.89 -2.74 34.29
N PRO C 142 10.05 -1.71 34.26
CA PRO C 142 9.27 -1.38 35.46
C PRO C 142 8.28 -2.48 35.81
N LYS C 143 8.04 -2.65 37.12
CA LYS C 143 7.07 -3.61 37.62
C LYS C 143 5.85 -2.98 38.27
N THR C 144 5.92 -1.70 38.65
CA THR C 144 4.83 -1.04 39.33
C THR C 144 4.69 0.39 38.79
N ARG C 145 3.53 1.00 39.08
CA ARG C 145 3.28 2.34 38.59
C ARG C 145 4.28 3.34 39.17
N LYS C 146 4.73 3.13 40.41
CA LYS C 146 5.73 4.02 40.98
C LYS C 146 7.03 3.98 40.19
N ASP C 147 7.45 2.79 39.77
CA ASP C 147 8.63 2.68 38.91
C ASP C 147 8.37 3.31 37.56
N ALA C 148 7.18 3.07 36.99
CA ALA C 148 6.90 3.55 35.63
C ALA C 148 6.88 5.07 35.57
N MET C 149 6.27 5.72 36.56
CA MET C 149 6.07 7.17 36.49
C MET C 149 7.38 7.96 36.53
N LEU C 150 8.50 7.33 36.86
CA LEU C 150 9.77 8.05 36.90
C LEU C 150 10.23 8.47 35.51
N GLY C 151 9.91 7.69 34.47
CA GLY C 151 10.29 8.02 33.12
C GLY C 151 9.29 8.93 32.45
N THR C 152 9.52 9.16 31.16
CA THR C 152 8.60 9.99 30.38
C THR C 152 7.21 9.37 30.39
N HIS C 153 6.19 10.19 30.65
CA HIS C 153 4.83 9.68 30.75
C HIS C 153 3.86 10.85 30.55
N ILE C 154 2.61 10.50 30.31
CA ILE C 154 1.53 11.47 30.15
C ILE C 154 0.29 10.93 30.85
N ILE C 155 -0.46 11.81 31.51
CA ILE C 155 -1.70 11.44 32.16
C ILE C 155 -2.84 11.70 31.17
N TRP C 156 -3.59 10.65 30.87
CA TRP C 156 -4.66 10.70 29.87
C TRP C 156 -6.00 10.78 30.58
N ASP C 157 -6.79 11.81 30.25
CA ASP C 157 -8.11 12.01 30.82
C ASP C 157 -9.14 11.78 29.71
N ILE C 158 -10.08 10.89 29.97
CA ILE C 158 -11.08 10.52 28.97
C ILE C 158 -12.27 11.47 29.08
N GLY C 159 -12.62 12.11 27.97
CA GLY C 159 -13.73 13.03 27.94
C GLY C 159 -14.34 13.15 26.56
N LEU C 160 -14.66 14.36 26.14
CA LEU C 160 -15.19 14.57 24.78
C LEU C 160 -14.17 14.15 23.73
N GLN C 161 -12.90 14.52 23.95
CA GLN C 161 -11.83 14.08 23.06
C GLN C 161 -11.49 12.63 23.39
N SER C 162 -11.71 11.74 22.44
CA SER C 162 -11.63 10.31 22.71
C SER C 162 -10.24 9.72 22.51
N SER C 163 -9.27 10.52 22.04
CA SER C 163 -7.94 10.01 21.73
C SER C 163 -6.87 10.89 22.34
N CYS C 164 -5.76 10.27 22.73
CA CYS C 164 -4.59 10.95 23.24
C CYS C 164 -3.35 10.38 22.58
N VAL C 165 -2.32 11.21 22.41
CA VAL C 165 -1.04 10.82 21.74
C VAL C 165 0.09 10.78 22.76
N LEU C 166 1.12 9.96 22.54
CA LEU C 166 2.28 9.80 23.46
C LEU C 166 3.54 9.80 22.60
N CYS C 167 4.11 10.96 22.30
CA CYS C 167 5.34 11.06 21.48
C CYS C 167 6.48 10.36 22.20
N VAL C 168 7.04 9.30 21.63
CA VAL C 168 8.21 8.58 22.20
C VAL C 168 9.46 9.29 21.68
N PRO C 169 10.13 10.13 22.48
CA PRO C 169 11.29 10.89 21.99
C PRO C 169 12.42 9.97 21.58
N TRP C 170 13.29 10.51 20.71
CA TRP C 170 14.45 9.78 20.22
C TRP C 170 15.59 10.00 21.21
N ILE C 171 15.78 9.05 22.12
CA ILE C 171 16.86 9.08 23.10
C ILE C 171 17.73 7.87 22.83
N SER C 172 18.93 8.12 22.30
CA SER C 172 19.84 7.04 21.96
C SER C 172 21.26 7.57 21.97
N GLN C 173 22.21 6.66 22.15
CA GLN C 173 23.63 7.01 22.13
C GLN C 173 24.19 7.10 20.72
N THR C 174 23.52 6.50 19.74
CA THR C 174 23.96 6.50 18.36
C THR C 174 22.95 7.25 17.49
N HIS C 175 23.43 7.75 16.35
CA HIS C 175 22.55 8.46 15.43
C HIS C 175 21.51 7.54 14.82
N TYR C 176 21.78 6.24 14.78
CA TYR C 176 20.89 5.28 14.14
C TYR C 176 20.81 4.02 14.99
N ARG C 177 19.75 3.25 14.75
CA ARG C 177 19.54 1.97 15.42
C ARG C 177 19.29 0.89 14.38
N LEU C 178 19.69 -0.33 14.71
CA LEU C 178 19.48 -1.46 13.83
C LEU C 178 18.04 -1.93 13.86
N VAL C 179 17.50 -2.26 12.69
CA VAL C 179 16.16 -2.84 12.65
C VAL C 179 16.15 -4.18 13.37
N GLN C 180 17.18 -5.00 13.16
CA GLN C 180 17.36 -6.24 13.91
C GLN C 180 18.01 -5.89 15.25
N GLN C 181 17.20 -5.30 16.13
CA GLN C 181 17.70 -4.74 17.37
C GLN C 181 18.29 -5.82 18.26
N ASP C 182 19.29 -5.43 19.06
CA ASP C 182 19.96 -6.31 20.00
C ASP C 182 20.12 -5.60 21.34
N GLU C 183 20.85 -6.24 22.25
CA GLU C 183 21.09 -5.65 23.56
C GLU C 183 21.81 -4.32 23.45
N TYR C 184 22.76 -4.20 22.51
CA TYR C 184 23.52 -2.96 22.38
C TYR C 184 22.62 -1.80 21.98
N THR C 185 21.68 -2.04 21.08
CA THR C 185 20.82 -0.99 20.53
C THR C 185 19.39 -1.09 21.03
N SER C 186 19.20 -1.68 22.22
CA SER C 186 17.89 -1.70 22.83
C SER C 186 17.29 -0.29 22.88
N ALA C 187 15.96 -0.23 22.96
CA ALA C 187 15.24 1.04 22.90
C ALA C 187 14.36 1.34 24.10
N GLY C 188 14.02 0.35 24.92
CA GLY C 188 13.24 0.57 26.12
C GLY C 188 11.93 -0.19 26.12
N TYR C 189 11.00 0.30 26.94
CA TYR C 189 9.71 -0.32 27.12
C TYR C 189 8.62 0.74 27.20
N VAL C 190 7.38 0.32 26.94
CA VAL C 190 6.21 1.16 27.05
C VAL C 190 5.15 0.40 27.83
N THR C 191 4.54 1.06 28.81
CA THR C 191 3.55 0.43 29.67
C THR C 191 2.43 1.41 29.97
N CYS C 192 1.26 0.86 30.32
CA CYS C 192 0.10 1.65 30.68
C CYS C 192 -0.47 1.13 32.00
N TRP C 193 -0.90 2.05 32.86
CA TRP C 193 -1.39 1.71 34.19
C TRP C 193 -2.67 2.49 34.48
N TYR C 194 -3.48 1.92 35.36
CA TYR C 194 -4.67 2.63 35.84
C TYR C 194 -4.26 3.82 36.70
N GLN C 195 -4.80 4.99 36.39
CA GLN C 195 -4.52 6.18 37.18
C GLN C 195 -5.59 6.41 38.25
N THR C 196 -6.86 6.28 37.89
CA THR C 196 -7.96 6.48 38.83
C THR C 196 -8.92 5.30 38.79
N GLY C 197 -9.03 4.65 37.65
CA GLY C 197 -9.97 3.57 37.45
C GLY C 197 -11.17 4.02 36.62
N MET C 198 -11.86 3.02 36.06
CA MET C 198 -13.01 3.27 35.21
C MET C 198 -14.30 3.14 36.02
N ILE C 199 -15.16 4.15 35.92
CA ILE C 199 -16.43 4.20 36.64
C ILE C 199 -17.55 4.34 35.63
N VAL C 200 -18.61 3.55 35.82
CA VAL C 200 -19.73 3.54 34.89
C VAL C 200 -21.03 3.68 35.68
N PRO C 201 -22.07 4.29 35.10
CA PRO C 201 -23.36 4.39 35.80
C PRO C 201 -24.18 3.13 35.59
N PRO C 202 -25.34 3.04 36.22
CA PRO C 202 -26.18 1.84 36.03
C PRO C 202 -26.64 1.70 34.59
N GLY C 203 -26.82 0.45 34.17
CA GLY C 203 -27.33 0.18 32.84
C GLY C 203 -26.31 0.33 31.73
N THR C 204 -25.05 0.05 31.99
CA THR C 204 -23.99 0.12 31.00
C THR C 204 -23.16 -1.15 31.05
N PRO C 205 -22.48 -1.50 29.97
CA PRO C 205 -21.61 -2.69 30.00
C PRO C 205 -20.50 -2.53 31.02
N ASN C 206 -20.10 -3.66 31.61
CA ASN C 206 -19.08 -3.68 32.64
C ASN C 206 -17.66 -3.72 32.08
N SER C 207 -17.49 -3.81 30.77
CA SER C 207 -16.18 -3.90 30.15
C SER C 207 -16.10 -2.97 28.95
N SER C 208 -14.89 -2.57 28.61
CA SER C 208 -14.63 -1.69 27.49
C SER C 208 -13.34 -2.14 26.81
N SER C 209 -12.98 -1.44 25.73
CA SER C 209 -11.80 -1.78 24.94
C SER C 209 -11.09 -0.50 24.53
N ILE C 210 -9.78 -0.63 24.28
CA ILE C 210 -8.95 0.45 23.81
C ILE C 210 -8.15 -0.04 22.62
N MET C 211 -7.84 0.88 21.71
CA MET C 211 -7.05 0.57 20.52
C MET C 211 -5.87 1.52 20.44
N CYS C 212 -4.79 1.03 19.83
CA CYS C 212 -3.54 1.77 19.72
C CYS C 212 -3.18 1.95 18.25
N PHE C 213 -2.64 3.12 17.92
CA PHE C 213 -2.20 3.45 16.57
C PHE C 213 -0.74 3.85 16.61
N ALA C 214 0.03 3.40 15.61
CA ALA C 214 1.45 3.65 15.54
C ALA C 214 1.79 4.36 14.24
N SER C 215 2.66 5.36 14.33
CA SER C 215 3.11 6.12 13.17
C SER C 215 4.42 6.80 13.51
N ALA C 216 5.06 7.34 12.47
CA ALA C 216 6.35 7.99 12.61
C ALA C 216 6.19 9.51 12.56
N CYS C 217 7.09 10.21 13.24
CA CYS C 217 7.09 11.66 13.26
C CYS C 217 7.75 12.19 11.98
N ASN C 218 7.88 13.52 11.90
CA ASN C 218 8.46 14.14 10.72
C ASN C 218 9.99 14.11 10.71
N ASP C 219 10.61 13.64 11.78
CA ASP C 219 12.07 13.51 11.85
C ASP C 219 12.54 12.08 11.64
N PHE C 220 11.65 11.17 11.26
CA PHE C 220 12.00 9.78 11.08
C PHE C 220 12.75 9.59 9.75
N SER C 221 13.53 8.52 9.67
CA SER C 221 14.27 8.21 8.46
C SER C 221 14.77 6.78 8.53
N VAL C 222 15.15 6.24 7.37
CA VAL C 222 15.65 4.88 7.23
C VAL C 222 16.87 4.90 6.32
N ARG C 223 17.51 3.73 6.18
CA ARG C 223 18.77 3.64 5.48
C ARG C 223 19.09 2.19 5.15
N MET C 224 20.06 1.96 4.27
CA MET C 224 20.55 0.61 3.89
C MET C 224 19.41 -0.28 3.42
N LEU C 225 19.00 -0.15 2.17
CA LEU C 225 17.92 -0.98 1.59
C LEU C 225 18.34 -2.44 1.69
N ARG C 226 17.46 -3.32 2.16
CA ARG C 226 17.72 -4.77 2.28
C ARG C 226 16.46 -5.54 1.90
N ASP C 227 16.55 -6.85 1.71
CA ASP C 227 15.41 -7.67 1.35
C ASP C 227 14.67 -8.14 2.60
N THR C 228 13.34 -8.05 2.55
CA THR C 228 12.52 -8.43 3.70
C THR C 228 12.51 -9.94 3.87
N PRO C 229 12.46 -10.44 5.11
CA PRO C 229 12.42 -11.89 5.34
C PRO C 229 11.02 -12.48 5.51
N PHE C 230 9.97 -11.68 5.36
CA PHE C 230 8.62 -12.16 5.64
C PHE C 230 8.03 -12.99 4.50
N ILE C 231 8.61 -12.91 3.31
CA ILE C 231 8.05 -13.54 2.12
C ILE C 231 9.10 -14.46 1.51
N SER C 232 8.67 -15.67 1.15
CA SER C 232 9.59 -16.65 0.58
C SER C 232 8.80 -17.64 -0.27
N GLN C 233 9.51 -18.33 -1.15
CA GLN C 233 8.93 -19.34 -2.01
C GLN C 233 9.90 -20.51 -2.14
N ASP C 234 9.34 -21.70 -2.42
CA ASP C 234 10.14 -22.90 -2.62
C ASP C 234 10.21 -23.35 -4.07
N ASN C 235 9.23 -23.00 -4.90
CA ASN C 235 9.21 -23.38 -6.30
C ASN C 235 8.68 -22.21 -7.13
N LYS C 236 9.00 -22.22 -8.42
CA LYS C 236 8.53 -21.17 -9.30
C LYS C 236 7.01 -21.18 -9.37
N LEU C 237 6.42 -19.99 -9.27
CA LEU C 237 4.97 -19.87 -9.33
C LEU C 237 4.46 -20.14 -10.74
N GLN C 238 3.26 -20.73 -10.81
CA GLN C 238 2.64 -21.04 -12.08
C GLN C 238 1.13 -20.79 -12.02
N GLY D 1 27.46 20.51 -24.43
CA GLY D 1 26.26 19.83 -23.98
C GLY D 1 26.52 18.90 -22.82
N ALA D 2 27.31 19.36 -21.85
CA ALA D 2 27.67 18.59 -20.67
C ALA D 2 27.07 19.23 -19.43
N GLN D 3 26.42 18.43 -18.60
CA GLN D 3 25.82 18.90 -17.36
C GLN D 3 26.79 18.69 -16.20
N VAL D 4 26.89 19.70 -15.34
CA VAL D 4 27.71 19.65 -14.14
C VAL D 4 26.80 19.85 -12.93
N SER D 5 26.87 18.93 -11.99
CA SER D 5 26.02 18.98 -10.81
C SER D 5 26.76 18.38 -9.63
N THR D 6 26.32 18.75 -8.43
CA THR D 6 26.95 18.27 -7.21
C THR D 6 26.61 16.80 -6.97
N GLN D 7 27.45 16.15 -6.15
CA GLN D 7 27.31 14.72 -5.82
C GLN D 7 27.04 14.60 -4.32
N LYS D 8 26.39 13.51 -3.88
CA LYS D 8 26.02 13.31 -2.47
C LYS D 8 27.29 13.27 -1.62
N THR D 9 27.25 13.83 -0.42
CA THR D 9 28.43 13.92 0.47
C THR D 9 27.95 14.06 1.92
N GLY D 10 28.81 14.46 2.84
CA GLY D 10 28.47 14.58 4.28
C GLY D 10 27.70 15.84 4.61
N ALA D 11 27.62 16.22 5.89
CA ALA D 11 26.85 17.39 6.35
C ALA D 11 27.77 18.60 6.49
N HIS D 12 28.94 18.43 7.11
CA HIS D 12 29.90 19.54 7.36
C HIS D 12 31.29 18.93 7.41
N GLU D 13 31.66 18.13 6.41
CA GLU D 13 32.97 17.44 6.36
C GLU D 13 33.39 17.27 4.88
N ILE D 23 36.07 17.30 -5.78
CA ILE D 23 35.54 18.65 -5.75
C ILE D 23 34.01 18.59 -5.80
N ILE D 24 33.46 17.49 -5.25
CA ILE D 24 32.03 17.30 -5.11
C ILE D 24 31.27 17.74 -6.36
N HIS D 25 31.85 17.49 -7.53
CA HIS D 25 31.19 17.75 -8.81
C HIS D 25 31.44 16.59 -9.74
N TYR D 26 30.45 16.31 -10.59
CA TYR D 26 30.57 15.25 -11.58
C TYR D 26 29.94 15.72 -12.88
N THR D 27 30.43 15.17 -13.99
CA THR D 27 30.02 15.57 -15.32
C THR D 27 29.25 14.43 -15.98
N ASN D 28 28.20 14.78 -16.73
CA ASN D 28 27.37 13.81 -17.41
C ASN D 28 27.10 14.26 -18.84
N ILE D 29 27.10 13.31 -19.75
CA ILE D 29 26.81 13.58 -21.16
C ILE D 29 25.93 12.45 -21.69
N ASN D 30 24.96 12.80 -22.52
CA ASN D 30 24.05 11.82 -23.10
C ASN D 30 24.53 11.45 -24.50
N TYR D 31 24.60 10.14 -24.76
CA TYR D 31 25.11 9.64 -26.03
C TYR D 31 24.04 9.14 -26.98
N TYR D 32 22.82 8.90 -26.50
CA TYR D 32 21.77 8.29 -27.29
C TYR D 32 20.64 9.29 -27.53
N LYS D 33 19.90 9.06 -28.61
CA LYS D 33 18.84 9.97 -29.03
C LYS D 33 17.51 9.71 -28.36
N ASP D 34 17.40 8.69 -27.52
CA ASP D 34 16.18 8.36 -26.81
C ASP D 34 16.33 8.67 -25.33
N ALA D 35 15.38 9.42 -24.78
CA ALA D 35 15.44 9.78 -23.37
C ALA D 35 15.37 8.56 -22.47
N ALA D 36 14.82 7.45 -22.94
CA ALA D 36 14.75 6.24 -22.14
C ALA D 36 16.13 5.65 -21.87
N SER D 37 17.14 6.04 -22.63
CA SER D 37 18.49 5.53 -22.44
C SER D 37 19.26 6.27 -21.36
N ASN D 38 18.75 7.38 -20.86
CA ASN D 38 19.45 8.14 -19.85
C ASN D 38 19.54 7.35 -18.55
N SER D 39 20.44 7.79 -17.68
CA SER D 39 20.61 7.15 -16.38
C SER D 39 19.52 7.60 -15.42
N ALA D 40 19.35 6.84 -14.35
CA ALA D 40 18.30 7.14 -13.37
C ALA D 40 18.49 8.52 -12.78
N ASN D 41 17.39 9.25 -12.64
CA ASN D 41 17.40 10.58 -12.03
C ASN D 41 17.05 10.50 -10.55
N ARG D 42 17.95 9.87 -9.79
CA ARG D 42 17.73 9.60 -8.37
C ARG D 42 18.22 10.74 -7.48
N GLN D 43 18.25 11.97 -8.00
CA GLN D 43 18.72 13.12 -7.23
C GLN D 43 17.58 14.03 -6.78
N ASP D 44 16.33 13.58 -6.91
CA ASP D 44 15.17 14.37 -6.50
C ASP D 44 14.75 13.95 -5.10
N PHE D 45 14.52 14.93 -4.23
CA PHE D 45 14.23 14.66 -2.82
C PHE D 45 13.04 15.47 -2.33
N THR D 46 12.10 15.80 -3.21
CA THR D 46 10.89 16.50 -2.82
C THR D 46 9.84 15.51 -2.33
N GLN D 47 9.07 15.94 -1.33
CA GLN D 47 8.07 15.06 -0.75
C GLN D 47 7.02 15.91 -0.02
N ASP D 48 5.82 15.36 0.10
CA ASP D 48 4.69 16.08 0.71
C ASP D 48 3.72 15.05 1.27
N PRO D 49 3.73 14.81 2.59
CA PRO D 49 2.85 13.80 3.17
C PRO D 49 1.43 14.28 3.44
N SER D 50 1.11 15.53 3.09
CA SER D 50 -0.22 16.06 3.41
C SER D 50 -1.33 15.25 2.76
N LYS D 51 -1.13 14.82 1.51
CA LYS D 51 -2.19 14.12 0.79
C LYS D 51 -2.70 12.92 1.56
N PHE D 52 -1.85 12.29 2.37
CA PHE D 52 -2.23 11.10 3.12
C PHE D 52 -2.41 11.34 4.61
N THR D 53 -1.79 12.39 5.16
CA THR D 53 -1.88 12.64 6.59
C THR D 53 -2.98 13.63 6.97
N GLU D 54 -3.30 14.57 6.07
CA GLU D 54 -4.31 15.59 6.35
C GLU D 54 -5.28 15.68 5.18
N PRO D 55 -6.04 14.61 4.92
CA PRO D 55 -7.02 14.63 3.83
C PRO D 55 -8.35 15.29 4.17
N VAL D 56 -8.43 16.01 5.29
CA VAL D 56 -9.68 16.61 5.71
C VAL D 56 -9.97 17.86 4.88
N LYS D 57 -11.24 18.26 4.88
CA LYS D 57 -11.65 19.46 4.16
C LYS D 57 -11.30 20.72 4.93
N ASP D 58 -11.78 20.82 6.17
CA ASP D 58 -11.50 21.98 7.01
C ASP D 58 -10.18 21.80 7.73
N VAL D 59 -9.32 22.82 7.65
CA VAL D 59 -8.03 22.77 8.30
C VAL D 59 -8.21 22.70 9.81
N MET D 60 -7.46 21.81 10.45
CA MET D 60 -7.48 21.67 11.90
C MET D 60 -6.14 22.11 12.47
N ILE D 61 -6.18 22.91 13.53
CA ILE D 61 -4.97 23.38 14.20
C ILE D 61 -4.61 22.41 15.31
N LYS D 62 -3.33 22.06 15.42
CA LYS D 62 -2.92 21.10 16.42
C LYS D 62 -3.21 21.61 17.83
N SER D 63 -2.99 22.90 18.07
CA SER D 63 -3.18 23.46 19.41
C SER D 63 -4.65 23.44 19.84
N LEU D 64 -5.58 23.77 18.96
CA LEU D 64 -6.98 23.84 19.33
C LEU D 64 -7.57 22.43 19.43
N PRO D 65 -8.68 22.28 20.15
CA PRO D 65 -9.31 20.96 20.25
C PRO D 65 -9.76 20.46 18.88
N ALA D 66 -9.69 19.14 18.70
CA ALA D 66 -10.09 18.55 17.43
C ALA D 66 -11.56 18.84 17.12
N LEU D 67 -12.42 18.72 18.13
CA LEU D 67 -13.85 18.94 17.97
C LEU D 67 -14.32 19.98 18.98
N ASN D 68 -15.07 20.97 18.51
CA ASN D 68 -15.54 22.05 19.36
C ASN D 68 -14.38 22.71 20.09
#